data_3G49
#
_entry.id   3G49
#
_cell.length_a   78.207
_cell.length_b   83.599
_cell.length_c   179.202
_cell.angle_alpha   90.00
_cell.angle_beta   90.00
_cell.angle_gamma   90.00
#
_symmetry.space_group_name_H-M   'P 21 21 21'
#
loop_
_entity.id
_entity.type
_entity.pdbx_description
1 polymer '11-beta-hydroxysteroid dehydrogenase 1'
2 non-polymer 'NADP NICOTINAMIDE-ADENINE-DINUCLEOTIDE PHOSPHATE'
3 non-polymer 2-(6-{[(3-chloro-2-methylphenyl)sulfonyl]amino}pyridin-2-yl)-N,N-diethylacetamide
4 water water
#
_entity_poly.entity_id   1
_entity_poly.type   'polypeptide(L)'
_entity_poly.pdbx_seq_one_letter_code
;NEKFRPEMLQGKKVIVTGASKGIGREIAYHLAKMGAHVVVTARSKEALQKVVARCLELGAASAHYIAGSMEDMTFAEEFV
AEAGNLMGGLDMLILNHVLYNRLTFFHGEIDNVRKSMEVNFHSFVVLSVAAMPMLMQSQGSIAVVSSVAGKITYPLIAPY
SASKFALDGFFSTLRSEFLVNKVNVSITLCILGLIDTETAIKATSGIYLGPASPKEECALEIIKGTALRQDEMYYVGSRW
VPYLLGNPGRKIMEFLSAAEYNWDNVLSNEKLYGRWA
;
_entity_poly.pdbx_strand_id   A,B,C,D
#
# COMPACT_ATOMS: atom_id res chain seq x y z
N LYS A 3 -10.16 -6.42 -24.44
CA LYS A 3 -9.67 -7.84 -24.71
C LYS A 3 -9.04 -8.08 -26.12
N PHE A 4 -8.03 -8.96 -26.20
CA PHE A 4 -7.04 -8.94 -27.29
C PHE A 4 -7.44 -9.86 -28.38
N ARG A 5 -7.20 -9.42 -29.61
CA ARG A 5 -7.26 -10.25 -30.81
C ARG A 5 -6.03 -9.84 -31.71
N PRO A 6 -5.31 -10.85 -32.23
CA PRO A 6 -4.27 -10.73 -33.29
C PRO A 6 -4.38 -9.70 -34.40
N GLU A 7 -5.63 -9.49 -34.88
CA GLU A 7 -5.98 -8.52 -35.95
C GLU A 7 -5.80 -7.08 -35.49
N MET A 8 -5.83 -6.81 -34.19
CA MET A 8 -5.40 -5.46 -33.75
C MET A 8 -3.90 -5.18 -34.16
N LEU A 9 -3.23 -6.12 -34.82
CA LEU A 9 -1.89 -5.81 -35.36
C LEU A 9 -1.71 -5.96 -36.91
N GLN A 10 -2.64 -6.67 -37.54
CA GLN A 10 -2.61 -7.00 -38.97
C GLN A 10 -2.65 -5.68 -39.77
N GLY A 11 -1.54 -5.39 -40.53
CA GLY A 11 -1.39 -4.17 -41.33
C GLY A 11 -0.76 -2.98 -40.61
N LYS A 12 -0.30 -3.19 -39.38
CA LYS A 12 0.05 -2.08 -38.52
C LYS A 12 1.46 -1.99 -38.72
N LYS A 13 1.99 -0.78 -38.64
CA LYS A 13 3.39 -0.58 -38.95
C LYS A 13 4.19 -0.38 -37.63
N VAL A 14 5.33 -1.02 -37.54
CA VAL A 14 5.88 -1.19 -36.23
C VAL A 14 7.36 -1.19 -36.16
N ILE A 15 7.97 -0.45 -35.25
CA ILE A 15 9.42 -0.54 -35.01
C ILE A 15 9.71 -1.34 -33.80
N VAL A 16 10.43 -2.42 -33.98
CA VAL A 16 11.06 -3.16 -32.87
C VAL A 16 12.54 -2.80 -32.83
N THR A 17 13.04 -2.21 -31.74
CA THR A 17 14.52 -2.16 -31.45
C THR A 17 15.11 -3.29 -30.58
N GLY A 18 16.43 -3.41 -30.51
CA GLY A 18 17.06 -4.64 -30.00
C GLY A 18 16.44 -5.94 -30.53
N ALA A 19 16.12 -5.96 -31.79
CA ALA A 19 15.50 -7.13 -32.36
C ALA A 19 16.39 -8.23 -32.91
N SER A 20 17.71 -8.15 -32.71
CA SER A 20 18.67 -9.10 -33.35
C SER A 20 18.72 -10.41 -32.63
N LYS A 21 18.39 -10.35 -31.32
CA LYS A 21 18.14 -11.55 -30.43
C LYS A 21 17.13 -11.24 -29.27
N GLY A 22 17.20 -12.04 -28.19
CA GLY A 22 16.16 -12.18 -27.18
C GLY A 22 14.71 -11.71 -27.33
N ILE A 23 14.24 -11.02 -26.33
CA ILE A 23 12.90 -10.60 -26.28
C ILE A 23 12.51 -9.88 -27.57
N GLY A 24 13.39 -8.99 -27.95
CA GLY A 24 13.12 -8.22 -29.11
C GLY A 24 12.99 -9.09 -30.30
N ARG A 25 13.89 -10.04 -30.47
CA ARG A 25 13.71 -11.00 -31.60
C ARG A 25 12.36 -11.66 -31.66
N GLU A 26 11.78 -12.04 -30.54
CA GLU A 26 10.50 -12.77 -30.54
C GLU A 26 9.38 -11.81 -30.73
N ILE A 27 9.58 -10.55 -30.33
CA ILE A 27 8.50 -9.57 -30.50
C ILE A 27 8.20 -9.53 -31.96
N ALA A 28 9.26 -9.38 -32.70
CA ALA A 28 9.21 -9.25 -34.11
C ALA A 28 8.54 -10.45 -34.81
N TYR A 29 9.01 -11.65 -34.45
CA TYR A 29 8.37 -12.92 -34.91
C TYR A 29 6.82 -12.90 -34.69
N HIS A 30 6.33 -12.85 -33.46
CA HIS A 30 4.87 -12.83 -33.25
C HIS A 30 4.21 -11.72 -34.06
N LEU A 31 4.82 -10.52 -34.21
CA LEU A 31 4.09 -9.45 -34.90
C LEU A 31 3.90 -9.89 -36.38
N ALA A 32 4.95 -10.59 -36.83
CA ALA A 32 4.95 -11.20 -38.12
C ALA A 32 3.92 -12.33 -38.28
N LYS A 33 3.69 -13.21 -37.27
CA LYS A 33 2.57 -14.15 -37.35
C LYS A 33 1.30 -13.32 -37.42
N MET A 34 1.28 -12.06 -36.95
CA MET A 34 0.02 -11.29 -36.96
C MET A 34 -0.36 -10.59 -38.24
N GLY A 35 0.52 -10.61 -39.21
CA GLY A 35 0.46 -9.87 -40.47
C GLY A 35 0.83 -8.37 -40.30
N ALA A 36 1.83 -8.07 -39.44
CA ALA A 36 2.35 -6.68 -39.31
C ALA A 36 3.53 -6.44 -40.24
N HIS A 37 3.79 -5.19 -40.50
CA HIS A 37 4.91 -4.75 -41.26
C HIS A 37 5.85 -4.40 -40.09
N VAL A 38 7.16 -4.70 -40.24
CA VAL A 38 8.13 -4.25 -39.24
C VAL A 38 9.41 -3.66 -39.80
N VAL A 39 9.99 -2.71 -39.09
CA VAL A 39 11.34 -2.38 -39.28
C VAL A 39 11.98 -2.75 -37.92
N VAL A 40 13.03 -3.59 -37.95
CA VAL A 40 13.66 -4.09 -36.78
C VAL A 40 15.08 -3.53 -36.79
N THR A 41 15.75 -3.45 -35.63
CA THR A 41 17.03 -2.73 -35.64
C THR A 41 17.96 -3.19 -34.53
N ALA A 42 19.25 -3.02 -34.73
CA ALA A 42 20.22 -3.59 -33.82
C ALA A 42 21.58 -3.41 -34.47
N ARG A 43 22.63 -3.83 -33.88
CA ARG A 43 23.90 -3.47 -34.45
C ARG A 43 24.42 -4.48 -35.49
N SER A 44 24.07 -5.74 -35.27
CA SER A 44 24.66 -6.90 -35.92
C SER A 44 23.86 -7.26 -37.12
N LYS A 45 24.41 -6.98 -38.30
CA LYS A 45 23.67 -7.03 -39.55
C LYS A 45 23.18 -8.46 -39.84
N GLU A 46 24.10 -9.41 -39.77
CA GLU A 46 23.82 -10.84 -40.13
C GLU A 46 22.62 -11.36 -39.44
N ALA A 47 22.73 -11.32 -38.13
CA ALA A 47 21.64 -11.61 -37.27
C ALA A 47 20.34 -10.89 -37.64
N LEU A 48 20.33 -9.56 -37.88
CA LEU A 48 19.15 -8.92 -38.42
C LEU A 48 18.59 -9.47 -39.71
N GLN A 49 19.39 -9.94 -40.68
CA GLN A 49 18.85 -10.50 -41.95
C GLN A 49 18.14 -11.81 -41.59
N LYS A 50 18.77 -12.55 -40.71
CA LYS A 50 18.22 -13.83 -40.23
C LYS A 50 16.85 -13.68 -39.68
N VAL A 51 16.54 -12.52 -39.17
CA VAL A 51 15.21 -12.23 -38.55
C VAL A 51 14.16 -11.71 -39.50
N VAL A 52 14.59 -10.84 -40.41
CA VAL A 52 13.65 -10.35 -41.43
C VAL A 52 13.08 -11.51 -42.29
N ALA A 53 13.99 -12.38 -42.64
CA ALA A 53 13.74 -13.54 -43.39
C ALA A 53 12.82 -14.36 -42.60
N ARG A 54 13.06 -14.66 -41.33
CA ARG A 54 12.09 -15.60 -40.73
C ARG A 54 10.69 -14.93 -40.58
N CYS A 55 10.71 -13.64 -40.28
CA CYS A 55 9.56 -12.77 -40.18
C CYS A 55 8.65 -12.81 -41.43
N LEU A 56 9.29 -12.64 -42.60
CA LEU A 56 8.64 -12.90 -43.90
C LEU A 56 8.23 -14.34 -43.95
N GLU A 57 9.13 -15.29 -43.72
CA GLU A 57 8.64 -16.72 -43.73
C GLU A 57 7.34 -16.95 -42.86
N LEU A 58 7.16 -16.24 -41.72
CA LEU A 58 5.90 -16.38 -40.91
C LEU A 58 4.62 -15.49 -41.07
N GLY A 59 4.56 -14.59 -42.05
CA GLY A 59 3.36 -13.83 -42.36
C GLY A 59 3.47 -12.31 -42.28
N ALA A 60 4.63 -11.73 -41.95
CA ALA A 60 4.72 -10.29 -41.95
C ALA A 60 4.35 -9.84 -43.36
N ALA A 61 3.55 -8.75 -43.38
CA ALA A 61 3.38 -7.89 -44.55
C ALA A 61 4.70 -7.29 -45.17
N SER A 62 5.61 -6.81 -44.36
CA SER A 62 6.93 -6.45 -44.76
C SER A 62 7.82 -6.64 -43.53
N ALA A 63 9.11 -6.63 -43.78
CA ALA A 63 10.04 -6.93 -42.78
C ALA A 63 11.32 -6.35 -43.36
N HIS A 64 11.73 -5.18 -42.88
CA HIS A 64 13.08 -4.66 -43.16
C HIS A 64 13.89 -4.50 -41.89
N TYR A 65 15.19 -4.36 -42.05
CA TYR A 65 16.08 -4.21 -40.91
C TYR A 65 16.83 -3.02 -41.26
N ILE A 66 17.19 -2.24 -40.26
CA ILE A 66 18.24 -1.27 -40.33
C ILE A 66 19.20 -1.52 -39.12
N ALA A 67 20.51 -1.39 -39.38
CA ALA A 67 21.52 -1.69 -38.36
C ALA A 67 22.38 -0.50 -37.90
N GLY A 68 22.47 -0.23 -36.63
CA GLY A 68 23.37 0.81 -36.13
C GLY A 68 23.45 0.82 -34.61
N SER A 69 24.41 1.49 -33.96
CA SER A 69 24.49 1.68 -32.51
C SER A 69 23.60 2.81 -32.13
N MET A 70 22.72 2.55 -31.15
CA MET A 70 21.86 3.50 -30.48
C MET A 70 22.63 4.36 -29.45
N GLU A 71 23.95 4.20 -29.41
CA GLU A 71 24.78 5.09 -28.66
C GLU A 71 24.83 6.33 -29.53
N ASP A 72 24.23 6.28 -30.71
CA ASP A 72 24.36 7.31 -31.71
C ASP A 72 23.05 8.04 -32.02
N MET A 73 22.92 9.22 -31.48
CA MET A 73 21.65 9.90 -31.54
C MET A 73 21.28 10.22 -32.99
N THR A 74 22.22 10.58 -33.87
CA THR A 74 21.83 10.84 -35.25
C THR A 74 21.30 9.57 -35.91
N PHE A 75 21.93 8.45 -35.55
CA PHE A 75 21.47 7.20 -36.10
C PHE A 75 20.05 6.95 -35.59
N ALA A 76 19.80 7.12 -34.29
CA ALA A 76 18.41 7.07 -33.82
C ALA A 76 17.37 7.95 -34.62
N GLU A 77 17.71 9.21 -34.92
CA GLU A 77 16.87 10.20 -35.59
C GLU A 77 16.55 9.62 -37.05
N GLU A 78 17.62 9.51 -37.79
CA GLU A 78 17.64 9.06 -39.16
C GLU A 78 16.92 7.75 -39.28
N PHE A 79 17.26 6.81 -38.43
CA PHE A 79 16.63 5.54 -38.46
C PHE A 79 15.11 5.60 -38.41
N VAL A 80 14.59 6.44 -37.55
CA VAL A 80 13.15 6.55 -37.45
C VAL A 80 12.50 6.99 -38.77
N ALA A 81 13.20 7.88 -39.48
CA ALA A 81 12.68 8.49 -40.70
C ALA A 81 12.70 7.45 -41.86
N GLU A 82 13.85 6.81 -42.16
CA GLU A 82 13.94 5.66 -43.13
C GLU A 82 12.78 4.71 -42.89
N ALA A 83 12.52 4.45 -41.62
CA ALA A 83 11.66 3.36 -41.19
C ALA A 83 10.27 3.76 -41.46
N GLY A 84 9.90 4.99 -41.19
CA GLY A 84 8.53 5.37 -41.54
C GLY A 84 8.29 5.38 -43.02
N ASN A 85 9.33 5.78 -43.71
CA ASN A 85 9.29 5.97 -45.14
C ASN A 85 9.13 4.66 -45.86
N LEU A 86 9.98 3.70 -45.48
CA LEU A 86 9.73 2.32 -45.82
C LEU A 86 8.30 1.98 -45.59
N MET A 87 7.70 2.26 -44.43
CA MET A 87 6.37 1.65 -44.25
C MET A 87 5.15 2.57 -44.59
N GLY A 88 5.35 3.75 -45.15
CA GLY A 88 4.26 4.68 -45.33
C GLY A 88 3.83 5.33 -44.02
N GLY A 89 4.42 4.91 -42.89
CA GLY A 89 4.35 5.64 -41.63
C GLY A 89 4.70 4.75 -40.46
N LEU A 90 3.83 4.74 -39.45
CA LEU A 90 4.09 4.13 -38.12
C LEU A 90 2.92 4.14 -37.12
N ASP A 91 2.50 2.95 -36.68
CA ASP A 91 1.57 2.76 -35.58
C ASP A 91 2.09 2.58 -34.16
N MET A 92 3.21 1.93 -33.97
CA MET A 92 3.62 1.48 -32.60
C MET A 92 5.14 1.48 -32.56
N LEU A 93 5.70 2.05 -31.50
CA LEU A 93 7.15 2.07 -31.40
C LEU A 93 7.59 1.16 -30.22
N ILE A 94 8.20 0.01 -30.52
CA ILE A 94 8.65 -0.86 -29.43
C ILE A 94 10.09 -0.59 -29.06
N LEU A 95 10.30 0.13 -27.94
CA LEU A 95 11.68 0.51 -27.47
C LEU A 95 12.33 -0.61 -26.55
N ASN A 96 13.15 -1.47 -27.12
CA ASN A 96 13.42 -2.69 -26.44
C ASN A 96 14.88 -2.97 -26.16
N HIS A 97 15.80 -2.18 -26.69
CA HIS A 97 17.18 -2.43 -26.50
C HIS A 97 17.79 -1.91 -25.24
N VAL A 98 18.97 -2.36 -25.01
CA VAL A 98 19.68 -2.03 -23.81
C VAL A 98 21.15 -2.33 -24.09
N LEU A 99 22.06 -1.54 -23.50
CA LEU A 99 23.46 -1.81 -23.18
C LEU A 99 23.69 -2.93 -22.21
N TYR A 100 24.41 -3.93 -22.71
CA TYR A 100 24.93 -5.05 -21.94
C TYR A 100 25.83 -4.66 -20.68
N ASN A 101 25.44 -5.15 -19.51
CA ASN A 101 26.21 -4.93 -18.28
C ASN A 101 26.52 -6.21 -17.46
N ARG A 102 27.72 -6.41 -16.99
CA ARG A 102 27.85 -7.47 -16.02
C ARG A 102 27.31 -7.07 -14.69
N LEU A 103 26.93 -8.09 -13.97
CA LEU A 103 26.35 -7.91 -12.69
C LEU A 103 27.55 -7.96 -11.79
N THR A 104 28.12 -6.77 -11.46
CA THR A 104 29.13 -6.61 -10.42
C THR A 104 28.84 -5.42 -9.51
N PHE A 105 29.50 -5.38 -8.32
CA PHE A 105 29.53 -4.18 -7.50
C PHE A 105 30.08 -3.08 -8.34
N PHE A 106 29.48 -1.91 -8.11
CA PHE A 106 29.94 -0.70 -8.70
C PHE A 106 31.24 -0.32 -8.02
N HIS A 107 32.20 0.06 -8.91
CA HIS A 107 33.52 0.58 -8.48
C HIS A 107 34.00 1.93 -9.00
N GLY A 108 33.20 2.96 -9.28
CA GLY A 108 33.70 4.17 -9.93
C GLY A 108 33.63 4.29 -11.45
N GLU A 109 33.09 3.31 -12.10
CA GLU A 109 33.10 3.29 -13.57
C GLU A 109 32.05 4.33 -14.14
N ILE A 110 32.24 5.64 -13.92
CA ILE A 110 31.49 6.72 -14.61
C ILE A 110 31.20 6.50 -16.13
N ASP A 111 32.18 6.01 -16.89
CA ASP A 111 32.00 5.95 -18.33
C ASP A 111 30.96 4.85 -18.48
N ASN A 112 30.88 3.91 -17.55
CA ASN A 112 29.74 2.99 -17.69
C ASN A 112 28.31 3.55 -17.38
N VAL A 113 28.17 4.26 -16.26
CA VAL A 113 26.93 5.03 -15.96
C VAL A 113 26.54 5.91 -17.19
N ARG A 114 27.49 6.57 -17.84
CA ARG A 114 27.17 7.45 -18.92
C ARG A 114 26.68 6.68 -20.11
N LYS A 115 27.31 5.57 -20.43
CA LYS A 115 27.08 4.90 -21.75
C LYS A 115 25.75 4.19 -21.63
N SER A 116 25.53 3.69 -20.41
CA SER A 116 24.29 2.97 -20.16
C SER A 116 23.15 3.99 -20.12
N MET A 117 23.42 5.21 -19.68
CA MET A 117 22.37 6.21 -19.77
C MET A 117 22.07 6.54 -21.19
N GLU A 118 23.05 6.59 -22.11
CA GLU A 118 22.76 6.96 -23.51
C GLU A 118 21.96 5.92 -24.18
N VAL A 119 22.49 4.72 -24.06
CA VAL A 119 21.95 3.58 -24.76
C VAL A 119 20.52 3.31 -24.27
N ASN A 120 20.26 3.26 -22.96
CA ASN A 120 18.93 2.81 -22.45
C ASN A 120 17.93 3.90 -22.13
N PHE A 121 18.37 5.14 -21.97
CA PHE A 121 17.45 6.26 -21.82
C PHE A 121 17.53 7.30 -22.98
N HIS A 122 18.60 8.12 -23.10
CA HIS A 122 18.62 9.19 -24.22
C HIS A 122 18.05 8.78 -25.58
N SER A 123 18.47 7.63 -26.08
CA SER A 123 17.99 7.11 -27.38
C SER A 123 16.50 6.81 -27.45
N PHE A 124 16.00 6.26 -26.38
CA PHE A 124 14.56 6.03 -26.24
C PHE A 124 13.73 7.36 -26.46
N VAL A 125 14.21 8.41 -25.85
CA VAL A 125 13.55 9.71 -25.95
C VAL A 125 13.71 10.31 -27.41
N VAL A 126 14.89 10.15 -28.06
CA VAL A 126 15.09 10.70 -29.40
C VAL A 126 14.22 9.94 -30.41
N LEU A 127 14.36 8.60 -30.39
CA LEU A 127 13.56 7.71 -31.17
C LEU A 127 12.18 8.13 -31.00
N SER A 128 11.78 8.43 -29.76
CA SER A 128 10.41 8.81 -29.46
C SER A 128 10.12 10.17 -30.05
N VAL A 129 11.06 11.06 -29.90
CA VAL A 129 10.79 12.36 -30.41
C VAL A 129 10.77 12.30 -31.99
N ALA A 130 11.77 11.76 -32.66
CA ALA A 130 11.64 11.47 -34.14
C ALA A 130 10.31 10.86 -34.48
N ALA A 131 9.84 9.81 -33.83
CA ALA A 131 8.59 9.13 -34.25
C ALA A 131 7.29 9.90 -34.00
N MET A 132 7.34 10.94 -33.15
CA MET A 132 6.05 11.52 -32.58
C MET A 132 4.96 12.04 -33.65
N PRO A 133 5.39 12.91 -34.60
CA PRO A 133 4.52 13.26 -35.76
C PRO A 133 3.80 12.03 -36.30
N MET A 134 4.51 10.95 -36.64
CA MET A 134 3.72 9.91 -37.29
C MET A 134 2.84 9.20 -36.28
N LEU A 135 3.35 8.92 -35.06
CA LEU A 135 2.48 8.46 -33.97
C LEU A 135 1.24 9.33 -33.73
N MET A 136 1.35 10.65 -33.91
CA MET A 136 0.21 11.55 -33.66
C MET A 136 -0.86 11.44 -34.72
N GLN A 137 -0.43 11.51 -35.97
CA GLN A 137 -1.27 11.23 -37.14
C GLN A 137 -1.85 9.83 -37.06
N SER A 138 -1.15 8.84 -36.51
CA SER A 138 -1.66 7.49 -36.55
C SER A 138 -2.53 7.18 -35.34
N GLN A 139 -2.43 8.06 -34.35
CA GLN A 139 -2.99 7.83 -32.98
C GLN A 139 -2.44 6.54 -32.33
N GLY A 140 -1.12 6.33 -32.43
CA GLY A 140 -0.51 5.04 -32.20
C GLY A 140 0.00 4.93 -30.77
N SER A 141 1.15 4.25 -30.59
CA SER A 141 1.58 3.71 -29.31
C SER A 141 3.13 3.47 -29.24
N ILE A 142 3.71 3.54 -28.03
CA ILE A 142 5.16 3.43 -27.77
C ILE A 142 5.27 2.48 -26.64
N ALA A 143 6.10 1.46 -26.76
CA ALA A 143 6.21 0.44 -25.66
C ALA A 143 7.55 0.72 -25.13
N VAL A 144 7.66 1.01 -23.82
CA VAL A 144 8.93 1.34 -23.17
C VAL A 144 9.32 0.15 -22.32
N VAL A 145 10.26 -0.65 -22.81
CA VAL A 145 10.65 -1.88 -22.14
C VAL A 145 11.65 -1.63 -21.04
N SER A 146 11.26 -2.07 -19.85
CA SER A 146 12.01 -1.83 -18.63
C SER A 146 11.96 -3.06 -17.73
N SER A 147 12.10 -2.90 -16.43
CA SER A 147 12.48 -4.01 -15.57
C SER A 147 12.07 -3.75 -14.16
N VAL A 148 11.87 -4.82 -13.45
CA VAL A 148 11.58 -4.73 -12.06
C VAL A 148 12.62 -3.72 -11.43
N ALA A 149 13.88 -3.90 -11.78
CA ALA A 149 15.00 -2.95 -11.52
C ALA A 149 14.83 -1.51 -12.08
N GLY A 150 13.72 -1.25 -12.73
CA GLY A 150 13.26 0.11 -12.97
C GLY A 150 12.17 0.61 -12.04
N LYS A 151 11.78 -0.20 -11.05
CA LYS A 151 10.81 0.12 -9.98
C LYS A 151 11.45 -0.18 -8.64
N ILE A 152 12.31 -1.18 -8.55
CA ILE A 152 13.11 -1.28 -7.29
C ILE A 152 14.61 -1.39 -7.55
N THR A 153 15.31 -1.77 -6.51
CA THR A 153 16.72 -1.85 -6.72
C THR A 153 17.23 -3.12 -6.13
N TYR A 154 18.13 -3.71 -6.93
CA TYR A 154 18.99 -4.91 -6.70
C TYR A 154 20.45 -4.46 -6.59
N PRO A 155 21.16 -4.89 -5.59
CA PRO A 155 22.63 -4.87 -5.68
C PRO A 155 23.21 -5.46 -7.02
N LEU A 156 24.15 -4.72 -7.62
CA LEU A 156 25.02 -5.17 -8.75
C LEU A 156 24.78 -4.44 -10.13
N ILE A 157 23.86 -3.47 -10.18
CA ILE A 157 23.40 -2.88 -11.48
C ILE A 157 22.89 -1.41 -11.41
N ALA A 158 23.53 -0.69 -10.51
CA ALA A 158 23.28 0.71 -10.31
C ALA A 158 23.20 1.51 -11.61
N PRO A 159 24.14 1.35 -12.50
CA PRO A 159 24.06 2.07 -13.80
C PRO A 159 22.84 1.71 -14.65
N TYR A 160 22.52 0.45 -14.62
CA TYR A 160 21.42 -0.04 -15.46
C TYR A 160 20.08 0.57 -14.94
N SER A 161 19.87 0.35 -13.65
CA SER A 161 18.69 0.73 -12.94
C SER A 161 18.49 2.22 -12.95
N ALA A 162 19.56 3.00 -12.94
CA ALA A 162 19.38 4.45 -12.93
C ALA A 162 18.65 4.79 -14.23
N SER A 163 19.07 4.14 -15.30
CA SER A 163 18.59 4.45 -16.61
C SER A 163 17.16 3.97 -16.74
N LYS A 164 16.84 2.86 -16.12
CA LYS A 164 15.46 2.36 -16.21
C LYS A 164 14.46 3.13 -15.32
N PHE A 165 14.85 3.43 -14.11
CA PHE A 165 14.16 4.46 -13.30
C PHE A 165 13.81 5.84 -14.02
N ALA A 166 14.81 6.40 -14.68
CA ALA A 166 14.66 7.57 -15.50
C ALA A 166 13.61 7.37 -16.63
N LEU A 167 13.56 6.17 -17.17
CA LEU A 167 12.58 5.89 -18.20
C LEU A 167 11.11 6.10 -17.65
N ASP A 168 10.82 5.51 -16.47
CA ASP A 168 9.48 5.61 -15.77
C ASP A 168 9.15 7.11 -15.63
N GLY A 169 10.19 7.84 -15.22
CA GLY A 169 9.98 9.20 -14.73
C GLY A 169 9.69 10.15 -15.87
N PHE A 170 10.45 9.94 -16.95
CA PHE A 170 10.30 10.71 -18.14
C PHE A 170 9.04 10.30 -18.81
N PHE A 171 8.89 9.01 -19.13
CA PHE A 171 7.74 8.60 -19.94
C PHE A 171 6.43 8.67 -19.15
N SER A 172 6.40 8.27 -17.90
CA SER A 172 5.20 8.49 -17.13
C SER A 172 4.69 9.99 -17.14
N THR A 173 5.59 10.94 -16.97
CA THR A 173 5.21 12.34 -17.13
C THR A 173 4.64 12.67 -18.51
N LEU A 174 5.27 12.08 -19.52
CA LEU A 174 4.76 12.16 -20.91
C LEU A 174 3.34 11.54 -21.05
N ARG A 175 3.10 10.39 -20.41
CA ARG A 175 1.72 9.86 -20.39
C ARG A 175 0.86 11.00 -19.94
N SER A 176 1.20 11.56 -18.79
CA SER A 176 0.20 12.38 -18.06
C SER A 176 -0.08 13.71 -18.82
N GLU A 177 0.93 14.27 -19.48
CA GLU A 177 0.74 15.45 -20.29
C GLU A 177 -0.14 15.16 -21.51
N PHE A 178 0.09 14.03 -22.13
CA PHE A 178 -0.71 13.62 -23.24
C PHE A 178 -2.19 13.41 -22.89
N LEU A 179 -2.52 12.90 -21.69
CA LEU A 179 -3.93 12.71 -21.27
C LEU A 179 -4.58 14.12 -21.21
N VAL A 180 -3.87 15.02 -20.55
CA VAL A 180 -4.43 16.35 -20.24
C VAL A 180 -4.68 17.17 -21.54
N ASN A 181 -3.84 16.94 -22.57
CA ASN A 181 -3.83 17.62 -23.82
C ASN A 181 -4.54 16.87 -24.90
N LYS A 182 -5.21 15.86 -24.45
CA LYS A 182 -5.99 15.01 -25.28
C LYS A 182 -5.13 14.46 -26.49
N VAL A 183 -3.91 14.13 -26.22
CA VAL A 183 -3.05 13.49 -27.19
C VAL A 183 -3.17 11.97 -27.12
N ASN A 184 -3.49 11.38 -28.25
CA ASN A 184 -3.94 10.01 -28.17
C ASN A 184 -2.87 9.12 -28.78
N VAL A 185 -1.74 9.25 -28.09
CA VAL A 185 -0.56 8.39 -28.23
C VAL A 185 -0.31 7.72 -26.91
N SER A 186 -0.52 6.43 -26.88
CA SER A 186 -0.44 5.72 -25.66
C SER A 186 1.05 5.31 -25.35
N ILE A 187 1.34 5.02 -24.09
CA ILE A 187 2.75 4.84 -23.70
C ILE A 187 2.77 3.73 -22.69
N THR A 188 3.24 2.55 -23.05
CA THR A 188 3.03 1.40 -22.17
C THR A 188 4.39 1.06 -21.60
N LEU A 189 4.55 1.22 -20.27
CA LEU A 189 5.84 0.99 -19.60
C LEU A 189 5.76 -0.45 -19.24
N CYS A 190 6.78 -1.17 -19.65
CA CYS A 190 6.73 -2.62 -19.56
C CYS A 190 7.75 -3.06 -18.49
N ILE A 191 7.28 -3.73 -17.47
CA ILE A 191 8.05 -4.10 -16.28
C ILE A 191 8.24 -5.61 -16.19
N LEU A 192 9.49 -6.06 -16.48
CA LEU A 192 9.84 -7.46 -16.74
C LEU A 192 10.60 -8.03 -15.60
N GLY A 193 10.11 -9.13 -15.09
CA GLY A 193 10.87 -9.82 -14.08
C GLY A 193 11.97 -10.49 -14.94
N LEU A 194 12.85 -11.34 -14.37
CA LEU A 194 13.81 -12.13 -15.17
C LEU A 194 13.08 -12.92 -16.23
N ILE A 195 13.77 -13.06 -17.37
CA ILE A 195 13.28 -13.61 -18.58
C ILE A 195 14.38 -14.47 -19.26
N ASP A 196 14.05 -15.72 -19.66
CA ASP A 196 15.13 -16.69 -19.97
C ASP A 196 15.91 -16.54 -21.36
N THR A 197 16.36 -15.30 -21.67
CA THR A 197 17.22 -14.99 -22.79
C THR A 197 18.61 -15.54 -22.43
N GLU A 198 19.37 -15.90 -23.44
CA GLU A 198 20.67 -16.32 -23.26
C GLU A 198 21.43 -15.24 -22.55
N THR A 199 21.35 -13.95 -23.03
CA THR A 199 22.22 -12.99 -22.37
C THR A 199 21.90 -12.87 -20.82
N ALA A 200 20.64 -13.10 -20.42
CA ALA A 200 20.29 -13.09 -19.03
C ALA A 200 20.44 -14.43 -18.34
N ILE A 201 20.51 -15.58 -19.05
CA ILE A 201 20.92 -16.82 -18.31
C ILE A 201 22.45 -16.62 -18.10
N LYS A 202 23.16 -16.31 -19.18
CA LYS A 202 24.62 -16.25 -19.06
C LYS A 202 24.97 -15.27 -17.89
N ALA A 203 24.29 -14.11 -17.81
CA ALA A 203 24.69 -13.05 -16.83
C ALA A 203 24.31 -13.37 -15.39
N THR A 204 23.32 -14.23 -15.16
CA THR A 204 22.94 -14.55 -13.79
C THR A 204 23.35 -15.91 -13.26
N SER A 205 23.97 -16.80 -14.05
CA SER A 205 24.15 -18.15 -13.51
C SER A 205 25.15 -18.01 -12.35
N GLY A 206 24.83 -18.57 -11.16
CA GLY A 206 25.67 -18.55 -9.97
C GLY A 206 25.73 -17.21 -9.21
N ILE A 207 24.78 -16.33 -9.53
CA ILE A 207 24.69 -14.98 -8.95
C ILE A 207 23.25 -14.79 -8.51
N TYR A 208 22.24 -14.69 -9.43
CA TYR A 208 20.77 -14.74 -9.09
C TYR A 208 20.16 -16.15 -9.29
N LEU A 209 19.51 -16.66 -8.24
CA LEU A 209 18.81 -17.95 -8.16
C LEU A 209 17.27 -17.98 -8.48
N GLY A 210 16.62 -16.85 -8.67
CA GLY A 210 15.19 -16.87 -8.81
C GLY A 210 14.79 -17.50 -10.09
N PRO A 211 13.51 -17.84 -10.23
CA PRO A 211 13.01 -18.40 -11.50
C PRO A 211 13.10 -17.37 -12.61
N ALA A 212 12.93 -17.85 -13.82
CA ALA A 212 13.03 -17.10 -15.05
C ALA A 212 11.80 -17.38 -15.85
N SER A 213 11.10 -16.38 -16.35
CA SER A 213 9.97 -16.67 -17.27
C SER A 213 10.33 -16.75 -18.75
N PRO A 214 9.48 -17.38 -19.56
CA PRO A 214 9.82 -17.70 -20.96
C PRO A 214 9.90 -16.50 -22.00
N LYS A 215 11.04 -16.43 -22.89
CA LYS A 215 11.12 -15.29 -23.80
C LYS A 215 9.86 -15.17 -24.64
N GLU A 216 9.14 -16.25 -24.94
CA GLU A 216 8.13 -16.14 -26.03
C GLU A 216 6.81 -15.43 -25.62
N GLU A 217 6.38 -15.80 -24.43
CA GLU A 217 5.26 -15.15 -23.83
C GLU A 217 5.53 -13.67 -23.37
N CYS A 218 6.74 -13.45 -22.87
CA CYS A 218 7.17 -12.16 -22.44
C CYS A 218 7.05 -11.28 -23.63
N ALA A 219 7.61 -11.66 -24.79
CA ALA A 219 7.42 -10.86 -26.00
C ALA A 219 5.94 -10.58 -26.22
N LEU A 220 5.13 -11.62 -26.17
CA LEU A 220 3.71 -11.53 -26.59
C LEU A 220 2.91 -10.51 -25.77
N GLU A 221 2.96 -10.68 -24.46
CA GLU A 221 2.47 -9.82 -23.41
C GLU A 221 2.91 -8.42 -23.53
N ILE A 222 4.18 -8.18 -23.88
CA ILE A 222 4.54 -6.83 -24.24
C ILE A 222 3.60 -6.32 -25.34
N ILE A 223 3.48 -7.09 -26.41
CA ILE A 223 2.64 -6.66 -27.59
C ILE A 223 1.22 -6.36 -27.18
N LYS A 224 0.68 -7.27 -26.37
CA LYS A 224 -0.68 -7.25 -25.92
C LYS A 224 -1.04 -6.03 -25.13
N GLY A 225 -0.22 -5.69 -24.15
CA GLY A 225 -0.49 -4.59 -23.23
C GLY A 225 -0.26 -3.30 -23.98
N THR A 226 0.76 -3.21 -24.83
CA THR A 226 0.91 -2.05 -25.72
C THR A 226 -0.36 -1.84 -26.64
N ALA A 227 -0.85 -2.92 -27.24
CA ALA A 227 -2.00 -2.89 -28.17
C ALA A 227 -3.26 -2.47 -27.47
N LEU A 228 -3.52 -2.98 -26.28
CA LEU A 228 -4.64 -2.53 -25.41
C LEU A 228 -4.52 -1.05 -24.77
N ARG A 229 -3.40 -0.37 -25.01
CA ARG A 229 -3.12 0.97 -24.53
C ARG A 229 -3.04 0.99 -23.03
N GLN A 230 -2.46 -0.09 -22.43
CA GLN A 230 -2.18 -0.16 -20.98
C GLN A 230 -1.11 0.86 -20.61
N ASP A 231 -1.39 1.59 -19.53
CA ASP A 231 -0.41 2.43 -18.83
C ASP A 231 0.85 1.59 -18.52
N GLU A 232 0.62 0.41 -17.95
CA GLU A 232 1.67 -0.46 -17.53
C GLU A 232 1.37 -1.92 -17.87
N MET A 233 2.40 -2.72 -17.96
CA MET A 233 2.34 -4.12 -18.35
C MET A 233 3.46 -4.74 -17.54
N TYR A 234 3.07 -5.59 -16.60
CA TYR A 234 4.04 -6.27 -15.66
C TYR A 234 3.99 -7.64 -16.12
N TYR A 235 5.16 -8.24 -16.38
CA TYR A 235 5.32 -9.69 -16.66
C TYR A 235 6.50 -10.08 -15.85
N VAL A 236 6.29 -10.31 -14.56
CA VAL A 236 7.38 -10.64 -13.66
C VAL A 236 7.23 -11.99 -12.98
N GLY A 237 6.52 -12.93 -13.56
CA GLY A 237 6.66 -14.29 -13.16
C GLY A 237 5.74 -14.54 -12.02
N SER A 238 4.90 -13.59 -11.66
CA SER A 238 3.96 -13.79 -10.56
C SER A 238 2.63 -13.05 -10.81
N ARG A 239 1.51 -13.47 -10.24
CA ARG A 239 0.34 -12.64 -10.30
C ARG A 239 0.32 -11.65 -9.07
N TRP A 240 0.98 -11.93 -7.99
CA TRP A 240 0.84 -10.98 -6.89
C TRP A 240 1.77 -9.72 -6.95
N VAL A 241 2.96 -9.93 -7.52
CA VAL A 241 4.13 -9.12 -7.26
C VAL A 241 4.00 -7.76 -7.94
N PRO A 242 3.30 -7.70 -9.08
CA PRO A 242 3.00 -6.44 -9.70
C PRO A 242 2.36 -5.50 -8.72
N TYR A 243 1.53 -5.97 -7.79
CA TYR A 243 0.86 -5.03 -6.86
C TYR A 243 1.83 -4.64 -5.78
N LEU A 244 2.90 -5.36 -5.62
CA LEU A 244 3.91 -4.82 -4.75
C LEU A 244 4.99 -3.91 -5.44
N LEU A 245 5.10 -3.91 -6.78
CA LEU A 245 5.99 -3.04 -7.53
C LEU A 245 5.29 -1.72 -7.99
N GLY A 246 4.00 -1.81 -8.27
CA GLY A 246 3.28 -0.69 -8.83
C GLY A 246 2.84 0.48 -7.93
N ASN A 247 3.11 0.52 -6.68
CA ASN A 247 3.03 1.69 -5.83
C ASN A 247 1.66 2.36 -5.93
N PRO A 248 0.62 1.99 -5.14
CA PRO A 248 -0.65 2.68 -5.00
C PRO A 248 -0.42 4.06 -4.41
N GLY A 249 0.58 4.21 -3.56
CA GLY A 249 0.94 5.48 -2.94
C GLY A 249 1.12 6.57 -4.02
N ARG A 250 1.76 6.14 -5.10
CA ARG A 250 2.12 7.01 -6.16
C ARG A 250 0.87 7.30 -6.98
N LYS A 251 0.00 6.31 -7.20
CA LYS A 251 -1.22 6.57 -7.98
C LYS A 251 -2.09 7.62 -7.26
N ILE A 252 -2.21 7.43 -5.96
CA ILE A 252 -3.00 8.30 -5.12
C ILE A 252 -2.46 9.72 -5.19
N MET A 253 -1.19 9.81 -4.95
CA MET A 253 -0.53 11.08 -4.98
C MET A 253 -0.63 11.79 -6.27
N GLU A 254 -0.78 11.08 -7.39
CA GLU A 254 -0.65 11.74 -8.70
C GLU A 254 -2.00 12.33 -9.02
N PHE A 255 -3.02 11.57 -8.69
CA PHE A 255 -4.37 11.99 -8.74
C PHE A 255 -4.52 13.25 -7.89
N LEU A 256 -4.24 13.18 -6.58
CA LEU A 256 -4.51 14.34 -5.74
C LEU A 256 -3.78 15.48 -6.33
N SER A 257 -2.44 15.40 -6.35
CA SER A 257 -1.59 16.48 -6.86
C SER A 257 -2.14 17.15 -8.10
N ALA A 258 -2.87 16.46 -8.95
CA ALA A 258 -3.32 17.07 -10.16
C ALA A 258 -4.36 18.14 -9.87
N ALA A 259 -5.21 17.98 -8.83
CA ALA A 259 -6.16 19.08 -8.52
C ALA A 259 -5.49 20.38 -7.96
N GLU A 260 -4.21 20.32 -7.67
CA GLU A 260 -3.37 21.43 -7.23
C GLU A 260 -2.71 22.25 -8.32
N TYR A 261 -3.02 21.95 -9.57
CA TYR A 261 -2.67 22.82 -10.69
C TYR A 261 -3.82 23.77 -11.13
N ASN A 262 -3.47 24.99 -11.60
CA ASN A 262 -4.47 25.90 -12.10
C ASN A 262 -4.65 25.65 -13.58
N TRP A 263 -5.50 24.64 -13.90
CA TRP A 263 -5.58 24.03 -15.28
C TRP A 263 -5.97 24.97 -16.38
N ASP A 264 -6.97 25.77 -16.11
CA ASP A 264 -7.36 26.94 -16.88
C ASP A 264 -6.28 27.79 -17.30
N ASN A 265 -5.42 28.15 -16.35
CA ASN A 265 -4.09 28.78 -16.70
C ASN A 265 -3.08 27.86 -17.34
N LYS B 3 18.59 10.51 18.14
CA LYS B 3 18.02 11.88 18.49
C LYS B 3 19.11 12.91 18.22
N PHE B 4 18.88 13.75 17.22
CA PHE B 4 19.92 14.70 16.77
C PHE B 4 20.42 15.75 17.78
N ARG B 5 21.71 16.11 17.63
CA ARG B 5 22.27 17.38 18.17
C ARG B 5 23.36 18.08 17.33
N PRO B 6 23.26 19.41 17.23
CA PRO B 6 24.20 20.25 16.48
C PRO B 6 25.69 20.07 16.72
N GLU B 7 26.07 19.47 17.83
CA GLU B 7 27.51 19.38 18.09
C GLU B 7 28.13 18.27 17.14
N MET B 8 27.26 17.40 16.59
CA MET B 8 27.70 16.33 15.66
C MET B 8 28.29 16.85 14.40
N LEU B 9 28.35 18.16 14.27
CA LEU B 9 28.86 18.80 13.04
C LEU B 9 30.00 19.73 13.32
N GLN B 10 30.15 20.08 14.59
CA GLN B 10 31.33 20.77 15.18
C GLN B 10 32.63 20.28 14.55
N GLY B 11 33.29 21.12 13.76
CA GLY B 11 34.52 20.71 13.10
C GLY B 11 34.41 19.49 12.21
N LYS B 12 33.23 19.30 11.61
CA LYS B 12 33.08 18.44 10.46
C LYS B 12 33.26 19.25 9.14
N LYS B 13 33.84 18.56 8.18
CA LYS B 13 34.28 19.06 6.88
C LYS B 13 33.18 18.63 5.89
N VAL B 14 32.45 19.62 5.38
CA VAL B 14 31.26 19.38 4.59
C VAL B 14 31.37 20.12 3.28
N ILE B 15 30.98 19.45 2.19
CA ILE B 15 30.83 20.14 0.90
C ILE B 15 29.42 20.51 0.72
N VAL B 16 29.17 21.69 0.24
CA VAL B 16 27.83 22.04 -0.14
C VAL B 16 27.80 22.56 -1.54
N THR B 17 27.11 21.86 -2.41
CA THR B 17 26.81 22.34 -3.75
C THR B 17 25.46 23.07 -3.88
N GLY B 18 25.37 23.95 -4.84
CA GLY B 18 24.17 24.69 -5.11
C GLY B 18 24.04 25.68 -3.99
N ALA B 19 25.18 26.23 -3.57
CA ALA B 19 25.24 27.01 -2.34
C ALA B 19 25.13 28.53 -2.46
N SER B 20 25.05 29.12 -3.61
CA SER B 20 25.08 30.54 -3.72
C SER B 20 23.78 31.21 -3.39
N LYS B 21 22.68 30.41 -3.36
CA LYS B 21 21.37 30.81 -2.80
C LYS B 21 20.55 29.57 -2.44
N GLY B 22 19.34 29.83 -1.98
CA GLY B 22 18.27 28.89 -2.08
C GLY B 22 18.39 27.98 -0.92
N ILE B 23 18.17 26.69 -1.17
CA ILE B 23 18.16 25.81 -0.05
C ILE B 23 19.58 25.66 0.28
N GLY B 24 20.50 25.62 -0.72
CA GLY B 24 21.90 25.29 -0.46
C GLY B 24 22.78 26.29 0.34
N ARG B 25 22.55 27.59 0.11
CA ARG B 25 22.95 28.71 0.99
C ARG B 25 22.44 28.57 2.40
N GLU B 26 21.18 28.31 2.49
CA GLU B 26 20.62 28.14 3.79
C GLU B 26 21.23 26.90 4.49
N ILE B 27 21.68 25.88 3.72
CA ILE B 27 22.37 24.72 4.39
C ILE B 27 23.73 25.13 4.97
N ALA B 28 24.45 25.91 4.17
CA ALA B 28 25.77 26.36 4.47
C ALA B 28 25.57 27.13 5.69
N TYR B 29 24.72 28.20 5.66
CA TYR B 29 24.46 29.13 6.83
C TYR B 29 24.25 28.31 8.11
N HIS B 30 23.53 27.16 8.03
CA HIS B 30 23.19 26.38 9.26
C HIS B 30 24.34 25.59 9.77
N LEU B 31 25.14 24.99 8.86
CA LEU B 31 26.41 24.31 9.23
C LEU B 31 27.40 25.26 9.89
N ALA B 32 27.35 26.53 9.50
CA ALA B 32 28.20 27.56 10.08
C ALA B 32 27.84 27.80 11.57
N LYS B 33 26.60 28.19 11.83
CA LYS B 33 26.12 28.31 13.20
C LYS B 33 26.64 27.07 14.01
N MET B 34 26.65 25.85 13.44
CA MET B 34 27.10 24.61 14.16
C MET B 34 28.63 24.38 14.22
N GLY B 35 29.39 25.12 13.44
CA GLY B 35 30.81 25.09 13.60
C GLY B 35 31.54 24.11 12.71
N ALA B 36 30.95 23.83 11.54
CA ALA B 36 31.64 23.01 10.53
C ALA B 36 32.68 23.78 9.68
N HIS B 37 33.53 23.02 9.02
CA HIS B 37 34.38 23.54 7.98
C HIS B 37 33.43 23.35 6.78
N VAL B 38 33.29 24.38 5.95
CA VAL B 38 32.45 24.33 4.77
C VAL B 38 33.23 24.76 3.52
N VAL B 39 33.04 23.95 2.45
CA VAL B 39 33.39 24.39 1.08
C VAL B 39 32.10 24.47 0.26
N VAL B 40 31.77 25.64 -0.26
CA VAL B 40 30.56 25.80 -1.07
C VAL B 40 30.90 26.01 -2.56
N THR B 41 30.15 25.39 -3.43
CA THR B 41 30.32 25.70 -4.86
C THR B 41 29.05 26.17 -5.50
N ALA B 42 29.25 26.95 -6.57
CA ALA B 42 28.24 27.26 -7.55
C ALA B 42 28.98 27.89 -8.70
N ARG B 43 28.26 28.37 -9.67
CA ARG B 43 28.83 29.03 -10.83
C ARG B 43 29.29 30.46 -10.43
N SER B 44 28.48 31.15 -9.61
CA SER B 44 28.55 32.59 -9.47
C SER B 44 29.49 32.97 -8.30
N LYS B 45 30.62 33.61 -8.70
CA LYS B 45 31.73 33.95 -7.84
C LYS B 45 31.27 35.04 -6.97
N GLU B 46 30.51 36.01 -7.46
CA GLU B 46 30.13 37.08 -6.52
C GLU B 46 29.24 36.59 -5.39
N ALA B 47 28.13 35.91 -5.75
CA ALA B 47 27.18 35.31 -4.75
C ALA B 47 27.79 34.23 -3.83
N LEU B 48 28.86 33.59 -4.26
CA LEU B 48 29.67 32.85 -3.30
C LEU B 48 30.58 33.67 -2.33
N GLN B 49 31.28 34.72 -2.76
CA GLN B 49 32.01 35.55 -1.81
C GLN B 49 31.09 36.04 -0.69
N LYS B 50 29.81 36.35 -1.03
CA LYS B 50 28.81 36.71 -0.01
C LYS B 50 28.41 35.52 0.94
N VAL B 51 28.47 34.26 0.49
CA VAL B 51 28.08 33.14 1.40
C VAL B 51 29.15 32.78 2.43
N VAL B 52 30.36 32.92 1.97
CA VAL B 52 31.54 32.78 2.81
C VAL B 52 31.78 33.93 3.93
N ALA B 53 31.98 35.18 3.61
CA ALA B 53 31.90 36.15 4.68
C ALA B 53 30.78 35.72 5.68
N ARG B 54 29.53 35.45 5.22
CA ARG B 54 28.48 35.24 6.19
C ARG B 54 28.65 34.00 7.05
N CYS B 55 29.16 32.91 6.48
CA CYS B 55 29.32 31.73 7.28
C CYS B 55 30.51 32.03 8.17
N LEU B 56 31.44 32.86 7.73
CA LEU B 56 32.53 33.20 8.67
C LEU B 56 31.95 33.90 9.94
N GLU B 57 30.95 34.76 9.74
CA GLU B 57 30.44 35.63 10.81
C GLU B 57 29.30 34.90 11.49
N LEU B 58 29.54 33.71 11.97
CA LEU B 58 28.43 32.79 12.27
C LEU B 58 28.96 31.59 13.05
N GLY B 59 30.25 31.28 12.85
CA GLY B 59 30.92 30.25 13.60
C GLY B 59 31.59 29.15 12.79
N ALA B 60 31.69 29.37 11.48
CA ALA B 60 32.35 28.42 10.63
C ALA B 60 33.81 28.30 11.09
N ALA B 61 34.12 27.17 11.68
CA ALA B 61 35.48 26.70 11.78
C ALA B 61 36.32 27.09 10.60
N SER B 62 35.70 27.32 9.45
CA SER B 62 36.38 27.57 8.17
C SER B 62 35.37 27.54 7.05
N ALA B 63 35.55 28.42 6.07
CA ALA B 63 34.63 28.57 4.98
C ALA B 63 35.34 28.99 3.68
N HIS B 64 35.27 28.18 2.64
CA HIS B 64 35.91 28.50 1.36
C HIS B 64 34.93 28.37 0.16
N TYR B 65 35.22 29.02 -0.97
CA TYR B 65 34.46 28.76 -2.18
C TYR B 65 35.29 28.34 -3.36
N ILE B 66 34.63 27.56 -4.20
CA ILE B 66 35.09 27.34 -5.57
C ILE B 66 33.92 27.54 -6.53
N ALA B 67 34.09 28.34 -7.56
CA ALA B 67 33.04 28.62 -8.51
C ALA B 67 33.28 27.74 -9.69
N GLY B 68 32.27 27.25 -10.35
CA GLY B 68 32.51 26.34 -11.47
C GLY B 68 31.20 25.72 -11.89
N SER B 69 31.10 25.28 -13.12
CA SER B 69 29.87 24.70 -13.58
C SER B 69 29.85 23.17 -13.45
N MET B 70 28.83 22.66 -12.78
CA MET B 70 28.76 21.22 -12.65
C MET B 70 28.28 20.51 -13.94
N GLU B 71 28.17 21.23 -15.05
CA GLU B 71 27.99 20.66 -16.37
C GLU B 71 29.32 20.13 -16.97
N ASP B 72 30.42 20.62 -16.45
CA ASP B 72 31.71 20.08 -16.64
C ASP B 72 32.29 19.09 -15.57
N MET B 73 32.46 17.83 -16.01
CA MET B 73 32.80 16.71 -15.13
C MET B 73 34.27 16.72 -14.77
N THR B 74 35.12 17.45 -15.45
CA THR B 74 36.47 17.61 -14.99
C THR B 74 36.43 18.54 -13.81
N PHE B 75 35.72 19.66 -13.98
CA PHE B 75 35.50 20.56 -12.83
C PHE B 75 34.82 19.92 -11.56
N ALA B 76 33.84 19.06 -11.72
CA ALA B 76 33.30 18.34 -10.57
C ALA B 76 34.37 17.51 -9.88
N GLU B 77 35.26 16.96 -10.69
CA GLU B 77 36.25 16.00 -10.19
C GLU B 77 37.37 16.77 -9.49
N GLU B 78 37.87 17.79 -10.19
CA GLU B 78 38.93 18.56 -9.58
C GLU B 78 38.35 19.23 -8.39
N PHE B 79 37.13 19.69 -8.49
CA PHE B 79 36.49 20.37 -7.32
C PHE B 79 36.62 19.63 -6.05
N VAL B 80 36.34 18.38 -6.06
CA VAL B 80 36.31 17.64 -4.83
C VAL B 80 37.68 17.46 -4.20
N ALA B 81 38.74 17.56 -5.01
CA ALA B 81 40.14 17.49 -4.51
C ALA B 81 40.66 18.89 -4.02
N GLU B 82 40.45 19.93 -4.81
CA GLU B 82 40.61 21.26 -4.28
C GLU B 82 40.00 21.38 -2.83
N ALA B 83 38.70 21.05 -2.65
CA ALA B 83 38.03 21.19 -1.31
C ALA B 83 38.55 20.21 -0.20
N GLY B 84 38.93 19.01 -0.58
CA GLY B 84 39.55 18.07 0.35
C GLY B 84 40.90 18.50 0.86
N ASN B 85 41.90 19.07 0.04
CA ASN B 85 43.16 19.72 0.36
C ASN B 85 42.95 20.84 1.39
N LEU B 86 42.13 21.87 1.12
CA LEU B 86 41.64 22.94 1.98
C LEU B 86 41.23 22.54 3.37
N MET B 87 40.18 21.75 3.53
CA MET B 87 39.67 21.30 4.85
C MET B 87 40.50 20.22 5.54
N GLY B 88 41.47 19.61 4.83
CA GLY B 88 42.22 18.48 5.37
C GLY B 88 41.38 17.23 5.65
N GLY B 89 40.49 16.90 4.70
CA GLY B 89 39.56 15.74 4.78
C GLY B 89 38.13 16.08 4.32
N LEU B 90 37.20 15.11 4.49
CA LEU B 90 35.78 15.24 4.05
C LEU B 90 34.88 14.32 4.82
N ASP B 91 33.83 14.89 5.40
CA ASP B 91 32.85 14.16 6.24
C ASP B 91 31.51 13.90 5.63
N MET B 92 31.06 14.92 4.93
CA MET B 92 29.69 14.99 4.45
C MET B 92 29.74 15.65 3.10
N LEU B 93 29.11 15.02 2.12
CA LEU B 93 29.06 15.63 0.81
C LEU B 93 27.58 15.89 0.50
N ILE B 94 27.25 17.16 0.39
CA ILE B 94 25.88 17.59 0.08
C ILE B 94 25.69 18.12 -1.35
N LEU B 95 24.79 17.42 -2.05
CA LEU B 95 24.64 17.46 -3.50
C LEU B 95 23.31 18.04 -3.75
N ASN B 96 23.31 19.32 -4.07
CA ASN B 96 22.17 20.16 -3.89
C ASN B 96 21.90 20.96 -5.15
N HIS B 97 22.93 21.35 -5.89
CA HIS B 97 22.68 22.02 -7.14
C HIS B 97 21.73 21.25 -8.04
N VAL B 98 21.12 21.96 -9.00
CA VAL B 98 20.29 21.34 -10.04
C VAL B 98 20.18 22.37 -11.11
N LEU B 99 19.75 21.94 -12.29
CA LEU B 99 19.49 22.87 -13.34
C LEU B 99 18.02 23.01 -13.35
N TYR B 100 17.38 24.12 -12.98
CA TYR B 100 15.92 24.17 -13.38
C TYR B 100 15.79 24.70 -14.86
N ASN B 101 14.87 24.04 -15.53
CA ASN B 101 14.43 24.27 -16.89
C ASN B 101 13.08 25.11 -16.92
N ARG B 102 12.77 25.61 -18.08
CA ARG B 102 11.46 26.09 -18.50
C ARG B 102 10.35 25.19 -17.94
N LEU B 103 9.46 25.59 -17.07
CA LEU B 103 8.18 24.84 -16.99
C LEU B 103 7.44 24.77 -18.34
N THR B 104 7.28 23.57 -18.84
CA THR B 104 6.53 23.40 -20.06
C THR B 104 6.14 21.99 -20.42
N PHE B 105 5.04 21.90 -21.16
CA PHE B 105 4.77 20.62 -21.79
C PHE B 105 6.04 20.30 -22.63
N PHE B 106 6.31 19.01 -22.57
CA PHE B 106 7.31 18.43 -23.42
C PHE B 106 6.79 18.28 -24.87
N HIS B 107 7.65 18.71 -25.76
CA HIS B 107 7.20 18.74 -27.14
C HIS B 107 8.44 18.72 -28.06
N GLY B 108 9.50 18.09 -27.54
CA GLY B 108 10.73 17.81 -28.31
C GLY B 108 12.15 18.19 -27.88
N GLU B 109 12.28 18.84 -26.72
CA GLU B 109 13.49 19.54 -26.34
C GLU B 109 14.52 18.62 -25.68
N ILE B 110 15.26 17.90 -26.50
CA ILE B 110 16.22 16.90 -26.13
C ILE B 110 17.45 17.50 -25.48
N ASP B 111 17.89 18.61 -26.06
CA ASP B 111 18.94 19.41 -25.46
C ASP B 111 18.76 19.49 -23.89
N ASN B 112 17.53 19.76 -23.44
CA ASN B 112 17.17 20.04 -22.05
C ASN B 112 17.38 18.70 -21.46
N VAL B 113 16.69 17.69 -22.06
CA VAL B 113 16.74 16.30 -21.52
C VAL B 113 18.21 15.88 -21.34
N ARG B 114 19.09 16.23 -22.27
CA ARG B 114 20.52 15.95 -22.09
C ARG B 114 21.15 16.76 -20.95
N LYS B 115 20.93 18.09 -20.94
CA LYS B 115 21.52 19.01 -19.92
C LYS B 115 21.00 18.64 -18.48
N SER B 116 19.71 18.49 -18.33
CA SER B 116 19.20 18.13 -17.05
C SER B 116 19.90 16.94 -16.54
N MET B 117 20.07 15.94 -17.35
CA MET B 117 20.72 14.68 -16.86
C MET B 117 22.18 14.90 -16.53
N GLU B 118 22.92 15.67 -17.32
CA GLU B 118 24.30 16.06 -17.05
C GLU B 118 24.32 16.68 -15.68
N VAL B 119 23.69 17.86 -15.58
CA VAL B 119 23.82 18.62 -14.33
C VAL B 119 23.36 17.89 -13.08
N ASN B 120 22.21 17.30 -13.18
CA ASN B 120 21.45 16.90 -11.99
C ASN B 120 21.87 15.53 -11.52
N PHE B 121 22.17 14.65 -12.48
CA PHE B 121 22.52 13.30 -12.21
C PHE B 121 23.97 12.96 -12.43
N HIS B 122 24.42 12.88 -13.66
CA HIS B 122 25.86 12.56 -13.88
C HIS B 122 26.78 13.24 -12.81
N SER B 123 26.72 14.60 -12.72
CA SER B 123 27.57 15.31 -11.73
C SER B 123 27.43 14.72 -10.33
N PHE B 124 26.23 14.31 -9.88
CA PHE B 124 26.13 13.72 -8.50
C PHE B 124 26.92 12.47 -8.48
N VAL B 125 27.00 11.78 -9.61
CA VAL B 125 27.87 10.59 -9.67
C VAL B 125 29.34 10.92 -9.61
N VAL B 126 29.88 11.85 -10.43
CA VAL B 126 31.32 12.12 -10.49
C VAL B 126 31.84 12.70 -9.21
N LEU B 127 30.99 13.43 -8.51
CA LEU B 127 31.45 14.09 -7.33
C LEU B 127 31.57 13.03 -6.27
N SER B 128 30.71 12.04 -6.39
CA SER B 128 30.58 10.99 -5.38
C SER B 128 31.74 10.01 -5.44
N VAL B 129 31.96 9.45 -6.62
CA VAL B 129 33.16 8.70 -6.95
C VAL B 129 34.40 9.50 -6.60
N ALA B 130 34.54 10.75 -7.00
CA ALA B 130 35.75 11.47 -6.56
C ALA B 130 35.84 11.58 -4.98
N ALA B 131 34.71 11.80 -4.31
CA ALA B 131 34.69 11.95 -2.88
C ALA B 131 34.87 10.67 -2.12
N MET B 132 34.73 9.55 -2.81
CA MET B 132 34.60 8.28 -2.05
C MET B 132 35.75 7.89 -1.08
N PRO B 133 37.02 7.88 -1.46
CA PRO B 133 38.09 7.54 -0.52
C PRO B 133 38.15 8.45 0.78
N MET B 134 38.04 9.75 0.61
CA MET B 134 37.97 10.62 1.79
C MET B 134 36.82 10.23 2.73
N LEU B 135 35.67 9.78 2.19
CA LEU B 135 34.52 9.39 3.02
C LEU B 135 34.68 7.94 3.50
N MET B 136 35.37 7.08 2.73
CA MET B 136 35.48 5.71 3.35
C MET B 136 36.37 5.86 4.65
N GLN B 137 37.30 6.87 4.64
CA GLN B 137 38.35 7.09 5.62
C GLN B 137 37.82 7.89 6.82
N SER B 138 36.71 8.64 6.62
CA SER B 138 35.94 9.32 7.71
C SER B 138 34.75 8.54 8.13
N GLN B 139 34.38 7.47 7.48
CA GLN B 139 33.00 6.94 7.60
C GLN B 139 31.97 8.05 7.55
N GLY B 140 32.11 8.94 6.55
CA GLY B 140 31.24 10.11 6.38
C GLY B 140 30.00 9.70 5.65
N SER B 141 29.41 10.71 4.98
CA SER B 141 27.99 10.74 4.53
C SER B 141 27.81 11.46 3.20
N ILE B 142 26.87 11.01 2.35
CA ILE B 142 26.40 11.79 1.18
C ILE B 142 24.92 12.18 1.38
N ALA B 143 24.58 13.44 1.14
CA ALA B 143 23.18 13.82 0.99
C ALA B 143 22.93 14.05 -0.50
N VAL B 144 22.13 13.19 -1.07
CA VAL B 144 21.58 13.37 -2.39
C VAL B 144 20.20 13.98 -2.18
N VAL B 145 20.07 15.18 -2.74
CA VAL B 145 18.88 15.99 -2.65
C VAL B 145 18.01 15.89 -3.85
N SER B 146 16.80 15.41 -3.64
CA SER B 146 15.90 15.11 -4.72
C SER B 146 14.51 15.70 -4.39
N SER B 147 13.45 15.05 -4.92
CA SER B 147 12.07 15.59 -4.79
C SER B 147 11.00 14.53 -4.75
N VAL B 148 9.81 15.06 -4.51
CA VAL B 148 8.56 14.40 -4.77
C VAL B 148 8.54 13.94 -6.21
N ALA B 149 8.87 14.84 -7.14
CA ALA B 149 8.92 14.56 -8.52
C ALA B 149 10.16 13.76 -8.93
N GLY B 150 10.95 13.29 -7.96
CA GLY B 150 11.80 12.12 -8.14
C GLY B 150 11.20 10.84 -7.56
N LYS B 151 9.99 10.86 -7.04
CA LYS B 151 9.32 9.65 -6.58
C LYS B 151 8.02 9.39 -7.35
N ILE B 152 7.30 10.47 -7.76
CA ILE B 152 6.08 10.44 -8.53
C ILE B 152 6.33 11.49 -9.71
N THR B 153 5.52 11.43 -10.76
CA THR B 153 5.67 12.33 -11.81
C THR B 153 4.63 13.43 -11.56
N TYR B 154 4.99 14.58 -12.18
CA TYR B 154 4.30 15.85 -12.24
C TYR B 154 4.38 16.35 -13.68
N PRO B 155 3.24 16.78 -14.27
CA PRO B 155 3.22 17.44 -15.60
C PRO B 155 3.99 18.69 -15.64
N LEU B 156 4.51 19.03 -16.82
CA LEU B 156 5.28 20.21 -17.09
C LEU B 156 6.75 20.15 -16.71
N ILE B 157 7.22 19.01 -16.20
CA ILE B 157 8.60 18.87 -15.83
C ILE B 157 9.25 17.50 -16.08
N ALA B 158 9.06 16.94 -17.26
CA ALA B 158 9.66 15.65 -17.47
C ALA B 158 11.18 15.54 -17.48
N PRO B 159 11.92 16.40 -18.07
CA PRO B 159 13.39 16.19 -18.03
C PRO B 159 14.09 16.16 -16.60
N TYR B 160 13.56 16.95 -15.74
CA TYR B 160 14.02 17.11 -14.38
C TYR B 160 13.61 15.90 -13.53
N SER B 161 12.39 15.41 -13.70
CA SER B 161 11.87 14.15 -13.10
C SER B 161 12.67 12.87 -13.43
N ALA B 162 13.00 12.72 -14.70
CA ALA B 162 13.84 11.66 -15.24
C ALA B 162 15.12 11.59 -14.44
N SER B 163 15.77 12.76 -14.36
CA SER B 163 17.04 12.99 -13.61
C SER B 163 16.92 12.84 -12.11
N LYS B 164 15.83 13.24 -11.48
CA LYS B 164 15.70 12.94 -10.04
C LYS B 164 15.46 11.41 -9.78
N PHE B 165 14.73 10.78 -10.69
CA PHE B 165 14.38 9.38 -10.57
C PHE B 165 15.69 8.51 -10.68
N ALA B 166 16.58 8.93 -11.54
CA ALA B 166 17.79 8.22 -11.79
C ALA B 166 18.68 8.10 -10.59
N LEU B 167 18.67 9.21 -9.85
CA LEU B 167 19.30 9.36 -8.57
C LEU B 167 18.71 8.32 -7.64
N ASP B 168 17.40 8.23 -7.57
CA ASP B 168 16.85 7.15 -6.77
C ASP B 168 17.37 5.77 -7.12
N GLY B 169 17.50 5.44 -8.42
CA GLY B 169 17.88 4.10 -8.81
C GLY B 169 19.40 3.78 -8.66
N PHE B 170 20.23 4.77 -8.96
CA PHE B 170 21.67 4.69 -8.77
C PHE B 170 22.04 4.77 -7.29
N PHE B 171 21.75 5.85 -6.54
CA PHE B 171 22.09 5.94 -5.15
C PHE B 171 21.33 4.92 -4.26
N SER B 172 20.14 4.52 -4.63
CA SER B 172 19.62 3.48 -3.79
C SER B 172 20.30 2.07 -3.96
N THR B 173 20.94 1.88 -5.13
CA THR B 173 21.58 0.65 -5.39
C THR B 173 22.89 0.71 -4.74
N LEU B 174 23.57 1.81 -4.90
CA LEU B 174 24.88 1.97 -4.26
C LEU B 174 24.85 1.79 -2.71
N ARG B 175 23.83 2.33 -2.05
CA ARG B 175 23.62 2.14 -0.66
C ARG B 175 23.57 0.72 -0.32
N SER B 176 22.69 -0.03 -0.96
CA SER B 176 22.48 -1.44 -0.59
C SER B 176 23.76 -2.29 -0.82
N GLU B 177 24.56 -1.83 -1.76
CA GLU B 177 25.89 -2.36 -2.01
C GLU B 177 26.83 -1.98 -0.90
N PHE B 178 26.67 -0.79 -0.32
CA PHE B 178 27.44 -0.51 0.88
C PHE B 178 26.98 -1.36 2.08
N LEU B 179 25.70 -1.60 2.30
CA LEU B 179 25.36 -2.42 3.44
C LEU B 179 25.98 -3.79 3.38
N VAL B 180 25.99 -4.33 2.17
CA VAL B 180 26.56 -5.66 1.95
C VAL B 180 28.08 -5.70 2.19
N ASN B 181 28.86 -4.73 1.67
CA ASN B 181 30.34 -4.80 1.70
C ASN B 181 30.93 -4.19 2.99
N LYS B 182 30.00 -3.91 3.89
CA LYS B 182 30.12 -3.15 5.10
C LYS B 182 30.93 -1.92 4.85
N VAL B 183 30.62 -1.28 3.72
CA VAL B 183 31.24 -0.01 3.47
C VAL B 183 30.47 0.97 4.41
N ASN B 184 31.21 1.73 5.21
CA ASN B 184 30.58 2.49 6.27
C ASN B 184 30.47 3.95 5.81
N VAL B 185 29.88 4.12 4.60
CA VAL B 185 29.46 5.44 4.07
C VAL B 185 27.89 5.55 3.88
N SER B 186 27.21 6.49 4.50
CA SER B 186 25.76 6.43 4.44
C SER B 186 25.35 7.34 3.32
N ILE B 187 24.20 7.06 2.70
CA ILE B 187 23.69 7.82 1.50
C ILE B 187 22.33 8.24 1.82
N THR B 188 22.01 9.50 2.02
CA THR B 188 20.69 9.90 2.43
C THR B 188 19.96 10.60 1.28
N LEU B 189 18.94 9.87 0.77
CA LEU B 189 18.03 10.49 -0.25
C LEU B 189 17.09 11.50 0.37
N CYS B 190 17.20 12.76 -0.08
CA CYS B 190 16.26 13.83 0.43
C CYS B 190 15.15 14.14 -0.55
N ILE B 191 13.96 13.70 -0.22
CA ILE B 191 12.72 13.96 -0.97
C ILE B 191 11.99 15.16 -0.41
N LEU B 192 11.99 16.27 -1.13
CA LEU B 192 11.39 17.49 -0.65
C LEU B 192 10.26 17.94 -1.57
N GLY B 193 9.17 18.46 -0.98
CA GLY B 193 8.07 18.98 -1.78
C GLY B 193 8.46 20.37 -2.11
N LEU B 194 7.50 21.22 -2.39
CA LEU B 194 7.88 22.56 -2.77
C LEU B 194 8.52 23.32 -1.59
N ILE B 195 9.61 24.04 -1.86
CA ILE B 195 10.25 24.94 -0.93
C ILE B 195 10.21 26.39 -1.44
N ASP B 196 10.07 27.36 -0.54
CA ASP B 196 9.90 28.79 -0.98
C ASP B 196 11.11 29.55 -1.43
N THR B 197 11.99 28.94 -2.18
CA THR B 197 13.14 29.63 -2.71
C THR B 197 12.55 30.47 -3.80
N GLU B 198 13.15 31.60 -4.17
CA GLU B 198 12.52 32.45 -5.28
C GLU B 198 12.31 31.61 -6.56
N THR B 199 13.30 30.80 -6.84
CA THR B 199 13.27 30.06 -8.05
C THR B 199 12.05 29.19 -8.04
N ALA B 200 11.83 28.33 -7.05
CA ALA B 200 10.60 27.48 -7.16
C ALA B 200 9.29 28.28 -7.26
N ILE B 201 9.10 29.27 -6.37
CA ILE B 201 7.89 30.00 -6.40
C ILE B 201 7.78 30.78 -7.68
N LYS B 202 8.85 31.34 -8.20
CA LYS B 202 8.67 32.26 -9.33
C LYS B 202 8.20 31.41 -10.45
N ALA B 203 8.91 30.32 -10.71
CA ALA B 203 8.54 29.31 -11.73
C ALA B 203 7.18 28.75 -11.51
N THR B 204 6.73 28.46 -10.32
CA THR B 204 5.39 27.93 -10.25
C THR B 204 4.29 28.95 -10.10
N SER B 205 4.59 30.23 -10.14
CA SER B 205 3.61 31.31 -9.82
C SER B 205 2.48 31.13 -10.84
N GLY B 206 1.31 30.73 -10.40
CA GLY B 206 0.12 30.73 -11.26
C GLY B 206 -0.28 29.41 -11.82
N ILE B 207 0.55 28.39 -11.60
CA ILE B 207 0.52 27.12 -12.33
C ILE B 207 0.21 26.06 -11.30
N TYR B 208 1.00 26.00 -10.26
CA TYR B 208 0.79 25.06 -9.20
C TYR B 208 0.37 25.88 -7.97
N LEU B 209 -0.77 25.52 -7.38
CA LEU B 209 -1.43 26.30 -6.35
C LEU B 209 -1.13 25.80 -4.97
N GLY B 210 -0.57 24.60 -4.78
CA GLY B 210 -0.24 24.12 -3.41
C GLY B 210 0.90 24.94 -2.76
N PRO B 211 0.97 24.90 -1.41
CA PRO B 211 1.79 25.80 -0.59
C PRO B 211 3.13 25.17 -0.41
N ALA B 212 4.06 25.99 0.06
CA ALA B 212 5.49 25.74 -0.01
C ALA B 212 6.05 25.88 1.39
N SER B 213 6.77 24.86 1.85
CA SER B 213 7.39 24.92 3.18
C SER B 213 8.67 25.82 3.16
N PRO B 214 9.10 26.36 4.30
CA PRO B 214 10.34 27.24 4.31
C PRO B 214 11.72 26.60 3.95
N LYS B 215 12.56 27.37 3.24
CA LYS B 215 13.98 27.10 2.97
C LYS B 215 14.75 26.75 4.22
N GLU B 216 14.48 27.48 5.29
CA GLU B 216 15.46 27.53 6.40
C GLU B 216 15.48 26.21 7.07
N GLU B 217 14.29 25.69 7.35
CA GLU B 217 14.22 24.41 8.04
C GLU B 217 14.33 23.19 7.06
N CYS B 218 13.89 23.35 5.82
CA CYS B 218 14.22 22.40 4.80
C CYS B 218 15.71 22.15 4.86
N ALA B 219 16.50 23.22 4.88
CA ALA B 219 17.95 22.99 4.98
C ALA B 219 18.17 22.21 6.25
N LEU B 220 17.53 22.56 7.35
CA LEU B 220 17.97 21.95 8.62
C LEU B 220 17.66 20.49 8.64
N GLU B 221 16.47 20.15 8.24
CA GLU B 221 16.06 18.79 8.18
C GLU B 221 17.05 18.00 7.32
N ILE B 222 17.39 18.51 6.13
CA ILE B 222 18.49 17.89 5.34
C ILE B 222 19.76 17.56 6.18
N ILE B 223 20.43 18.55 6.70
CA ILE B 223 21.50 18.30 7.64
C ILE B 223 21.24 17.18 8.67
N LYS B 224 20.08 17.29 9.33
CA LYS B 224 19.72 16.37 10.46
C LYS B 224 19.65 14.91 9.97
N GLY B 225 18.94 14.66 8.90
CA GLY B 225 18.76 13.28 8.47
C GLY B 225 19.99 12.66 7.82
N THR B 226 20.79 13.50 7.23
CA THR B 226 22.11 13.07 6.76
C THR B 226 23.13 12.77 7.91
N ALA B 227 23.10 13.56 8.99
CA ALA B 227 23.99 13.33 10.12
C ALA B 227 23.50 12.11 10.88
N LEU B 228 22.15 11.85 10.90
CA LEU B 228 21.65 10.64 11.62
C LEU B 228 21.68 9.39 10.68
N ARG B 229 22.43 9.57 9.58
CA ARG B 229 22.77 8.50 8.67
C ARG B 229 21.55 7.79 8.26
N GLN B 230 20.46 8.52 8.06
CA GLN B 230 19.16 7.89 7.62
C GLN B 230 19.15 7.57 6.16
N ASP B 231 18.42 6.56 5.78
CA ASP B 231 18.30 6.22 4.34
C ASP B 231 17.56 7.34 3.53
N GLU B 232 16.38 7.78 4.06
CA GLU B 232 15.59 8.77 3.34
C GLU B 232 15.29 9.91 4.24
N MET B 233 14.98 11.05 3.67
CA MET B 233 14.50 12.12 4.51
C MET B 233 13.50 12.85 3.63
N TYR B 234 12.27 12.83 4.14
CA TYR B 234 11.08 13.56 3.67
C TYR B 234 10.76 14.92 4.31
N TYR B 235 10.65 15.98 3.48
CA TYR B 235 10.23 17.32 3.93
C TYR B 235 9.30 17.83 2.87
N VAL B 236 8.06 17.42 3.00
CA VAL B 236 7.06 17.57 1.99
C VAL B 236 5.76 18.17 2.52
N GLY B 237 5.80 19.15 3.39
CA GLY B 237 4.53 19.84 3.70
C GLY B 237 3.42 19.05 4.44
N SER B 238 3.49 17.72 4.54
CA SER B 238 2.68 17.06 5.57
C SER B 238 3.23 15.79 6.19
N ARG B 239 2.55 15.34 7.24
CA ARG B 239 3.12 14.29 8.06
C ARG B 239 2.83 12.99 7.37
N TRP B 240 1.69 12.88 6.64
CA TRP B 240 1.23 11.61 5.99
C TRP B 240 1.79 11.26 4.60
N VAL B 241 2.45 12.25 3.99
CA VAL B 241 2.82 12.16 2.60
C VAL B 241 3.99 11.27 2.40
N PRO B 242 4.97 11.32 3.28
CA PRO B 242 6.03 10.32 3.21
C PRO B 242 5.52 8.91 3.16
N TYR B 243 4.38 8.51 3.71
CA TYR B 243 4.05 7.12 3.69
C TYR B 243 3.36 6.73 2.40
N LEU B 244 2.88 7.72 1.67
CA LEU B 244 2.45 7.47 0.32
C LEU B 244 3.61 7.47 -0.67
N LEU B 245 4.74 8.10 -0.41
CA LEU B 245 5.84 8.16 -1.40
C LEU B 245 6.93 7.10 -1.26
N GLY B 246 7.08 6.54 -0.06
CA GLY B 246 8.25 5.81 0.43
C GLY B 246 8.14 4.29 0.45
N ASN B 247 6.92 3.80 0.23
CA ASN B 247 6.69 2.69 -0.73
C ASN B 247 6.92 1.31 -0.16
N PRO B 248 5.96 0.81 0.58
CA PRO B 248 6.17 -0.43 1.33
C PRO B 248 6.25 -1.74 0.53
N GLY B 249 5.54 -1.76 -0.58
CA GLY B 249 5.79 -2.68 -1.70
C GLY B 249 7.27 -2.84 -2.08
N ARG B 250 7.93 -1.77 -2.59
CA ARG B 250 9.39 -1.73 -2.88
C ARG B 250 10.26 -2.20 -1.76
N LYS B 251 10.09 -1.59 -0.59
CA LYS B 251 10.83 -1.92 0.66
C LYS B 251 10.96 -3.40 0.91
N ILE B 252 9.79 -4.04 0.85
CA ILE B 252 9.52 -5.49 1.07
C ILE B 252 10.23 -6.36 -0.03
N MET B 253 10.13 -5.93 -1.30
CA MET B 253 10.82 -6.64 -2.35
C MET B 253 12.33 -6.44 -2.26
N GLU B 254 12.78 -5.32 -1.70
CA GLU B 254 14.25 -5.02 -1.68
C GLU B 254 14.93 -6.08 -0.81
N PHE B 255 14.37 -6.30 0.41
CA PHE B 255 14.63 -7.39 1.36
C PHE B 255 14.40 -8.88 0.86
N LEU B 256 13.17 -9.22 0.54
CA LEU B 256 12.94 -10.59 0.11
C LEU B 256 13.88 -11.06 -1.02
N SER B 257 14.43 -10.13 -1.79
CA SER B 257 15.30 -10.41 -2.93
C SER B 257 16.79 -10.47 -2.52
N ALA B 258 17.16 -9.82 -1.42
CA ALA B 258 18.48 -10.04 -0.84
C ALA B 258 18.88 -11.54 -0.77
N ALA B 259 17.88 -12.43 -0.74
CA ALA B 259 17.98 -13.85 -0.44
C ALA B 259 17.93 -14.75 -1.65
N GLU B 260 17.54 -14.23 -2.80
CA GLU B 260 17.55 -15.03 -3.99
C GLU B 260 18.97 -14.92 -4.71
N TYR B 261 19.89 -14.16 -4.08
CA TYR B 261 21.26 -14.07 -4.49
C TYR B 261 22.22 -15.06 -3.82
N ASN B 262 23.33 -15.39 -4.48
CA ASN B 262 24.39 -16.28 -4.00
C ASN B 262 25.55 -15.45 -3.53
N TRP B 263 25.51 -15.10 -2.28
CA TRP B 263 26.50 -14.26 -1.69
C TRP B 263 27.91 -14.82 -1.58
N ASP B 264 28.05 -16.09 -1.31
CA ASP B 264 29.38 -16.70 -1.27
C ASP B 264 30.14 -16.26 -2.54
N ASN B 265 29.47 -16.19 -3.70
CA ASN B 265 30.13 -15.79 -4.94
C ASN B 265 30.05 -14.27 -5.33
N LYS C 3 13.83 -18.18 16.27
CA LYS C 3 14.02 -19.34 15.40
C LYS C 3 13.45 -20.61 16.03
N PHE C 4 12.35 -21.13 15.54
CA PHE C 4 11.50 -22.05 16.29
C PHE C 4 12.25 -23.34 16.59
N ARG C 5 12.19 -23.86 17.85
CA ARG C 5 12.50 -25.24 18.20
C ARG C 5 11.28 -26.03 18.65
N PRO C 6 11.27 -27.31 18.33
CA PRO C 6 10.18 -28.16 18.84
C PRO C 6 10.19 -28.19 20.40
N GLU C 7 11.40 -28.03 20.93
CA GLU C 7 11.60 -28.05 22.37
C GLU C 7 10.92 -26.86 23.13
N MET C 8 10.49 -25.79 22.45
CA MET C 8 9.57 -24.71 23.00
C MET C 8 8.21 -25.15 23.59
N LEU C 9 7.71 -26.27 23.08
CA LEU C 9 6.47 -26.84 23.47
C LEU C 9 6.62 -28.06 24.40
N GLN C 10 7.83 -28.58 24.65
CA GLN C 10 8.08 -29.73 25.61
C GLN C 10 7.44 -29.44 26.98
N GLY C 11 6.72 -30.32 27.60
CA GLY C 11 6.20 -29.98 28.94
C GLY C 11 5.30 -28.75 29.13
N LYS C 12 4.93 -28.13 27.98
CA LYS C 12 4.00 -27.01 27.90
C LYS C 12 2.53 -27.45 27.97
N LYS C 13 1.68 -26.59 28.51
CA LYS C 13 0.31 -26.96 28.77
C LYS C 13 -0.65 -26.28 27.78
N VAL C 14 -1.50 -27.02 27.06
CA VAL C 14 -2.18 -26.37 25.95
C VAL C 14 -3.55 -26.85 25.72
N ILE C 15 -4.46 -25.92 25.47
CA ILE C 15 -5.81 -26.22 25.02
C ILE C 15 -5.74 -26.05 23.55
N VAL C 16 -6.32 -27.02 22.84
CA VAL C 16 -6.74 -26.84 21.43
C VAL C 16 -8.25 -26.95 21.40
N THR C 17 -8.96 -26.02 20.76
CA THR C 17 -10.42 -26.15 20.56
C THR C 17 -10.64 -26.68 19.17
N GLY C 18 -11.81 -27.15 18.81
CA GLY C 18 -11.99 -27.69 17.44
C GLY C 18 -10.96 -28.81 17.00
N ALA C 19 -10.59 -29.67 17.96
CA ALA C 19 -9.53 -30.67 17.78
C ALA C 19 -10.05 -32.04 17.33
N SER C 20 -11.34 -32.19 17.04
CA SER C 20 -11.81 -33.50 16.66
C SER C 20 -11.56 -33.87 15.20
N LYS C 21 -11.43 -32.88 14.34
CA LYS C 21 -11.06 -33.12 12.95
C LYS C 21 -10.09 -31.98 12.40
N GLY C 22 -9.93 -31.88 11.07
CA GLY C 22 -9.32 -30.78 10.41
C GLY C 22 -8.01 -30.36 10.94
N ILE C 23 -7.67 -29.11 10.71
CA ILE C 23 -6.48 -28.46 11.28
C ILE C 23 -6.31 -28.66 12.78
N GLY C 24 -7.42 -28.74 13.48
CA GLY C 24 -7.33 -28.76 14.92
C GLY C 24 -6.73 -30.02 15.49
N ARG C 25 -7.27 -31.11 14.96
CA ARG C 25 -6.79 -32.43 15.32
C ARG C 25 -5.32 -32.42 15.05
N GLU C 26 -4.99 -31.84 13.91
CA GLU C 26 -3.63 -31.95 13.41
C GLU C 26 -2.65 -31.19 14.27
N ILE C 27 -3.18 -30.17 14.95
CA ILE C 27 -2.45 -29.38 15.92
C ILE C 27 -2.23 -30.19 17.22
N ALA C 28 -3.24 -30.85 17.75
CA ALA C 28 -3.04 -31.70 18.94
C ALA C 28 -1.88 -32.71 18.60
N TYR C 29 -1.88 -33.27 17.40
CA TYR C 29 -0.98 -34.36 17.07
C TYR C 29 0.39 -33.75 17.06
N HIS C 30 0.54 -32.58 16.43
CA HIS C 30 1.88 -32.03 16.40
C HIS C 30 2.34 -31.72 17.82
N LEU C 31 1.49 -31.30 18.74
CA LEU C 31 1.96 -31.01 20.09
C LEU C 31 2.39 -32.23 20.92
N ALA C 32 1.58 -33.26 20.90
CA ALA C 32 1.97 -34.59 21.27
C ALA C 32 3.43 -34.85 20.86
N LYS C 33 3.71 -34.81 19.58
CA LYS C 33 5.04 -35.19 19.08
C LYS C 33 6.14 -34.45 19.81
N MET C 34 5.93 -33.19 20.19
CA MET C 34 6.88 -32.34 20.87
C MET C 34 6.86 -32.33 22.40
N GLY C 35 6.07 -33.20 23.06
CA GLY C 35 6.24 -33.52 24.48
C GLY C 35 5.31 -32.64 25.36
N ALA C 36 4.12 -32.29 24.83
CA ALA C 36 3.27 -31.26 25.46
C ALA C 36 2.04 -31.90 26.14
N HIS C 37 1.58 -31.31 27.24
CA HIS C 37 0.33 -31.71 27.82
C HIS C 37 -0.73 -31.05 27.00
N VAL C 38 -1.77 -31.80 26.61
CA VAL C 38 -2.96 -31.25 25.93
C VAL C 38 -4.37 -31.63 26.43
N VAL C 39 -5.20 -30.65 26.56
CA VAL C 39 -6.60 -30.89 26.72
C VAL C 39 -7.12 -30.37 25.38
N VAL C 40 -7.70 -31.30 24.62
CA VAL C 40 -8.48 -30.96 23.42
C VAL C 40 -10.02 -30.95 23.64
N THR C 41 -10.78 -30.15 22.87
CA THR C 41 -12.25 -30.14 22.96
C THR C 41 -12.97 -29.99 21.62
N ALA C 42 -14.19 -30.49 21.63
CA ALA C 42 -15.10 -30.22 20.58
C ALA C 42 -16.50 -30.77 21.03
N ARG C 43 -17.40 -31.03 20.07
CA ARG C 43 -18.69 -31.64 20.39
C ARG C 43 -18.72 -33.18 20.38
N SER C 44 -18.13 -33.84 19.39
CA SER C 44 -18.08 -35.35 19.41
C SER C 44 -17.29 -36.06 20.56
N LYS C 45 -17.89 -36.80 21.49
CA LYS C 45 -17.03 -37.48 22.50
C LYS C 45 -16.22 -38.52 21.74
N GLU C 46 -16.87 -39.22 20.77
CA GLU C 46 -16.26 -40.37 20.11
C GLU C 46 -15.04 -39.89 19.36
N ALA C 47 -15.15 -38.75 18.68
CA ALA C 47 -14.05 -38.36 17.82
C ALA C 47 -12.86 -37.96 18.72
N LEU C 48 -13.19 -37.35 19.85
CA LEU C 48 -12.16 -36.82 20.76
C LEU C 48 -11.49 -37.90 21.57
N GLN C 49 -12.13 -39.07 21.75
CA GLN C 49 -11.45 -40.24 22.39
C GLN C 49 -10.37 -40.69 21.50
N LYS C 50 -10.67 -40.73 20.20
CA LYS C 50 -9.73 -41.29 19.23
C LYS C 50 -8.45 -40.47 19.28
N VAL C 51 -8.62 -39.17 19.31
CA VAL C 51 -7.52 -38.19 19.22
C VAL C 51 -6.64 -38.16 20.47
N VAL C 52 -7.28 -38.37 21.62
CA VAL C 52 -6.57 -38.44 22.88
C VAL C 52 -5.60 -39.69 22.90
N ALA C 53 -6.09 -40.84 22.48
CA ALA C 53 -5.22 -42.02 22.35
C ALA C 53 -4.05 -41.77 21.43
N ARG C 54 -4.30 -41.14 20.28
CA ARG C 54 -3.23 -40.88 19.33
C ARG C 54 -2.08 -40.03 19.93
N CYS C 55 -2.44 -39.01 20.67
CA CYS C 55 -1.46 -38.13 21.28
C CYS C 55 -0.64 -38.86 22.35
N LEU C 56 -1.26 -39.74 23.09
CA LEU C 56 -0.52 -40.58 24.00
C LEU C 56 0.54 -41.41 23.24
N GLU C 57 0.20 -41.97 22.10
CA GLU C 57 1.13 -42.76 21.30
C GLU C 57 2.32 -41.90 20.84
N LEU C 58 1.95 -40.71 20.36
CA LEU C 58 2.86 -39.75 19.80
C LEU C 58 3.87 -39.11 20.81
N GLY C 59 3.64 -39.28 22.11
CA GLY C 59 4.63 -38.88 23.11
C GLY C 59 4.17 -37.78 24.05
N ALA C 60 2.86 -37.51 24.10
CA ALA C 60 2.34 -36.36 24.83
C ALA C 60 2.63 -36.51 26.30
N ALA C 61 3.10 -35.43 26.92
CA ALA C 61 3.24 -35.38 28.40
C ALA C 61 1.93 -35.86 29.12
N SER C 62 0.78 -35.54 28.47
CA SER C 62 -0.54 -36.11 28.83
C SER C 62 -1.60 -35.79 27.81
N ALA C 63 -2.79 -36.29 28.02
CA ALA C 63 -3.85 -35.87 27.14
C ALA C 63 -5.24 -36.21 27.66
N HIS C 64 -6.06 -35.20 27.71
CA HIS C 64 -7.45 -35.52 28.06
C HIS C 64 -8.39 -34.89 27.06
N TYR C 65 -9.64 -35.19 27.19
CA TYR C 65 -10.52 -34.36 26.48
C TYR C 65 -11.67 -33.94 27.37
N ILE C 66 -12.42 -32.96 26.87
CA ILE C 66 -13.77 -32.66 27.34
C ILE C 66 -14.68 -32.45 26.14
N ALA C 67 -15.87 -33.05 26.07
CA ALA C 67 -16.83 -32.69 25.00
C ALA C 67 -17.91 -31.61 25.35
N GLY C 68 -18.15 -30.67 24.45
CA GLY C 68 -19.15 -29.60 24.65
C GLY C 68 -19.45 -28.78 23.38
N SER C 69 -20.55 -27.98 23.41
CA SER C 69 -20.73 -26.89 22.39
C SER C 69 -20.18 -25.54 22.82
N MET C 70 -19.59 -24.88 21.86
CA MET C 70 -19.16 -23.51 22.07
C MET C 70 -20.19 -22.42 21.84
N GLU C 71 -21.47 -22.77 21.49
CA GLU C 71 -22.65 -21.84 21.64
C GLU C 71 -22.93 -21.64 23.09
N ASP C 72 -22.57 -22.60 23.92
CA ASP C 72 -23.00 -22.53 25.31
C ASP C 72 -21.86 -21.91 26.12
N MET C 73 -21.99 -20.65 26.40
CA MET C 73 -20.96 -19.85 27.07
C MET C 73 -20.61 -20.32 28.46
N THR C 74 -21.55 -20.90 29.16
CA THR C 74 -21.21 -21.51 30.44
C THR C 74 -20.36 -22.72 30.26
N PHE C 75 -20.71 -23.52 29.25
CA PHE C 75 -19.81 -24.55 28.87
C PHE C 75 -18.42 -23.97 28.70
N ALA C 76 -18.30 -22.85 27.95
CA ALA C 76 -16.98 -22.31 27.54
C ALA C 76 -16.12 -22.00 28.75
N GLU C 77 -16.73 -21.30 29.67
CA GLU C 77 -16.06 -20.78 30.84
C GLU C 77 -15.59 -21.88 31.72
N GLU C 78 -16.50 -22.80 31.98
CA GLU C 78 -16.25 -23.89 32.92
C GLU C 78 -15.17 -24.81 32.31
N PHE C 79 -15.28 -25.03 31.00
CA PHE C 79 -14.33 -25.84 30.24
C PHE C 79 -12.89 -25.55 30.54
N VAL C 80 -12.54 -24.30 30.73
CA VAL C 80 -11.14 -23.88 30.89
C VAL C 80 -10.78 -24.11 32.31
N ALA C 81 -11.72 -23.86 33.23
CA ALA C 81 -11.43 -24.29 34.62
C ALA C 81 -11.04 -25.83 34.63
N GLU C 82 -11.79 -26.71 34.02
CA GLU C 82 -11.46 -28.13 34.18
C GLU C 82 -10.11 -28.44 33.48
N ALA C 83 -9.83 -27.84 32.33
CA ALA C 83 -8.59 -28.11 31.63
C ALA C 83 -7.39 -27.61 32.43
N GLY C 84 -7.55 -26.55 33.19
CA GLY C 84 -6.38 -26.08 33.93
C GLY C 84 -6.06 -26.98 35.11
N ASN C 85 -7.13 -27.48 35.75
CA ASN C 85 -7.06 -28.38 36.85
C ASN C 85 -6.36 -29.70 36.44
N LEU C 86 -6.84 -30.26 35.32
CA LEU C 86 -6.24 -31.46 34.75
C LEU C 86 -4.75 -31.31 34.54
N MET C 87 -4.33 -30.18 33.94
CA MET C 87 -2.97 -30.01 33.46
C MET C 87 -2.17 -29.29 34.53
N GLY C 88 -2.80 -28.69 35.55
CA GLY C 88 -2.09 -27.91 36.54
C GLY C 88 -1.67 -26.46 36.26
N GLY C 89 -2.28 -25.84 35.25
CA GLY C 89 -1.69 -24.69 34.62
C GLY C 89 -2.03 -24.65 33.16
N LEU C 90 -1.61 -23.58 32.49
CA LEU C 90 -1.95 -23.42 31.06
C LEU C 90 -1.00 -22.40 30.54
N ASP C 91 -0.28 -22.80 29.47
CA ASP C 91 0.78 -21.99 28.80
C ASP C 91 0.40 -21.42 27.49
N MET C 92 -0.55 -22.08 26.84
CA MET C 92 -1.00 -21.71 25.51
C MET C 92 -2.44 -22.15 25.29
N LEU C 93 -3.28 -21.20 24.83
CA LEU C 93 -4.72 -21.44 24.47
C LEU C 93 -4.82 -21.30 22.98
N ILE C 94 -5.39 -22.31 22.35
CA ILE C 94 -5.55 -22.32 20.88
C ILE C 94 -7.06 -22.45 20.44
N LEU C 95 -7.55 -21.32 19.94
CA LEU C 95 -8.91 -21.01 19.67
C LEU C 95 -9.07 -21.20 18.15
N ASN C 96 -9.40 -22.44 17.81
CA ASN C 96 -9.45 -22.85 16.40
C ASN C 96 -10.79 -23.25 15.93
N HIS C 97 -11.64 -23.73 16.85
CA HIS C 97 -13.09 -24.02 16.58
C HIS C 97 -13.91 -22.92 15.81
N VAL C 98 -14.76 -23.36 14.88
CA VAL C 98 -15.56 -22.44 14.06
C VAL C 98 -16.88 -23.11 13.67
N LEU C 99 -17.87 -22.32 13.29
CA LEU C 99 -19.13 -22.89 12.82
C LEU C 99 -19.26 -22.84 11.31
N TYR C 100 -19.70 -24.03 10.83
CA TYR C 100 -20.02 -24.39 9.43
C TYR C 100 -21.43 -23.85 9.02
N ASN C 101 -21.39 -23.13 7.91
CA ASN C 101 -22.35 -22.11 7.43
C ASN C 101 -22.56 -22.40 5.88
N ARG C 102 -23.63 -23.14 5.23
CA ARG C 102 -23.52 -23.27 3.79
C ARG C 102 -23.11 -21.94 3.15
N LEU C 103 -22.54 -22.01 1.96
CA LEU C 103 -22.35 -20.81 1.16
C LEU C 103 -23.66 -20.32 0.64
N THR C 104 -23.97 -19.02 0.81
CA THR C 104 -25.15 -18.52 0.09
C THR C 104 -25.19 -17.03 -0.05
N PHE C 105 -25.76 -16.50 -1.13
CA PHE C 105 -26.14 -15.06 -1.01
C PHE C 105 -27.09 -14.90 0.15
N PHE C 106 -26.79 -13.89 0.96
CA PHE C 106 -27.54 -13.55 2.14
C PHE C 106 -28.84 -13.04 1.72
N HIS C 107 -29.88 -13.59 2.38
CA HIS C 107 -31.28 -13.21 2.24
C HIS C 107 -32.09 -13.28 3.55
N GLY C 108 -31.52 -12.93 4.71
CA GLY C 108 -32.28 -12.70 5.96
C GLY C 108 -32.22 -13.74 7.09
N GLU C 109 -31.29 -14.67 6.96
CA GLU C 109 -30.83 -15.64 7.95
C GLU C 109 -30.14 -15.01 9.13
N ILE C 110 -30.96 -14.41 9.95
CA ILE C 110 -30.54 -13.63 11.06
C ILE C 110 -29.94 -14.59 12.14
N ASP C 111 -30.49 -15.79 12.26
CA ASP C 111 -30.19 -16.70 13.32
C ASP C 111 -28.77 -17.26 13.26
N ASN C 112 -28.26 -17.24 12.07
CA ASN C 112 -27.07 -17.94 11.79
C ASN C 112 -25.92 -16.93 11.67
N VAL C 113 -26.28 -15.63 11.46
CA VAL C 113 -25.42 -14.47 11.77
C VAL C 113 -25.16 -14.42 13.24
N ARG C 114 -26.24 -14.59 13.98
CA ARG C 114 -26.22 -14.66 15.44
C ARG C 114 -25.30 -15.78 15.88
N LYS C 115 -25.51 -16.96 15.28
CA LYS C 115 -24.92 -18.16 15.77
C LYS C 115 -23.49 -18.09 15.44
N SER C 116 -23.21 -17.80 14.18
CA SER C 116 -21.84 -17.53 13.71
C SER C 116 -21.06 -16.58 14.66
N MET C 117 -21.73 -15.57 15.21
CA MET C 117 -20.99 -14.57 16.02
C MET C 117 -20.71 -15.17 17.34
N GLU C 118 -21.68 -15.92 17.85
CA GLU C 118 -21.52 -16.72 19.05
C GLU C 118 -20.43 -17.74 19.10
N VAL C 119 -20.37 -18.67 18.14
CA VAL C 119 -19.47 -19.80 18.22
C VAL C 119 -18.13 -19.29 17.86
N ASN C 120 -18.07 -18.34 16.91
CA ASN C 120 -16.73 -17.95 16.31
C ASN C 120 -15.94 -16.87 17.02
N PHE C 121 -16.74 -16.04 17.65
CA PHE C 121 -16.29 -14.81 18.25
C PHE C 121 -16.56 -14.80 19.76
N HIS C 122 -17.79 -14.65 20.24
CA HIS C 122 -17.98 -14.49 21.73
C HIS C 122 -17.38 -15.60 22.55
N SER C 123 -17.58 -16.84 22.12
CA SER C 123 -16.92 -17.99 22.81
C SER C 123 -15.39 -17.82 22.93
N PHE C 124 -14.75 -17.18 21.91
CA PHE C 124 -13.31 -16.99 21.87
C PHE C 124 -12.92 -16.07 23.02
N VAL C 125 -13.69 -15.01 23.22
CA VAL C 125 -13.57 -14.01 24.34
C VAL C 125 -13.78 -14.59 25.77
N VAL C 126 -14.85 -15.36 25.90
CA VAL C 126 -15.13 -16.10 27.10
C VAL C 126 -13.95 -17.06 27.41
N LEU C 127 -13.43 -17.74 26.37
CA LEU C 127 -12.41 -18.67 26.66
C LEU C 127 -11.22 -17.93 27.08
N SER C 128 -10.99 -16.77 26.55
CA SER C 128 -9.80 -16.02 26.95
C SER C 128 -9.87 -15.44 28.32
N VAL C 129 -10.98 -14.80 28.66
CA VAL C 129 -11.08 -14.19 29.97
C VAL C 129 -10.81 -15.25 31.05
N ALA C 130 -11.37 -16.46 30.83
CA ALA C 130 -11.38 -17.58 31.83
C ALA C 130 -9.97 -18.07 31.97
N ALA C 131 -9.20 -17.91 30.90
CA ALA C 131 -7.79 -18.31 30.92
C ALA C 131 -6.77 -17.22 31.26
N MET C 132 -7.18 -15.99 31.41
CA MET C 132 -6.12 -14.91 31.53
C MET C 132 -5.22 -15.13 32.79
N PRO C 133 -5.86 -15.45 33.94
CA PRO C 133 -5.10 -15.76 35.13
C PRO C 133 -4.09 -16.85 34.92
N MET C 134 -4.43 -18.07 34.52
CA MET C 134 -3.34 -19.05 34.29
C MET C 134 -2.28 -18.51 33.24
N LEU C 135 -2.71 -17.80 32.19
CA LEU C 135 -1.71 -17.38 31.21
C LEU C 135 -0.84 -16.29 31.70
N MET C 136 -1.36 -15.35 32.49
CA MET C 136 -0.54 -14.27 33.11
C MET C 136 0.53 -14.85 34.03
N GLN C 137 0.12 -15.88 34.74
CA GLN C 137 1.00 -16.61 35.63
C GLN C 137 2.21 -17.23 34.87
N SER C 138 1.94 -17.87 33.73
CA SER C 138 2.93 -18.62 32.91
C SER C 138 3.59 -17.78 31.79
N GLN C 139 3.29 -16.51 31.87
CA GLN C 139 3.50 -15.55 30.80
C GLN C 139 3.29 -16.13 29.44
N GLY C 140 2.11 -16.67 29.25
CA GLY C 140 1.77 -17.46 28.06
C GLY C 140 1.34 -16.79 26.77
N SER C 141 0.50 -17.55 26.06
CA SER C 141 0.15 -17.25 24.67
C SER C 141 -1.24 -17.67 24.22
N ILE C 142 -1.79 -16.95 23.28
CA ILE C 142 -3.04 -17.28 22.66
C ILE C 142 -2.91 -17.11 21.11
N ALA C 143 -3.17 -18.20 20.40
CA ALA C 143 -3.45 -18.30 18.99
C ALA C 143 -4.88 -18.08 18.80
N VAL C 144 -5.24 -17.08 17.97
CA VAL C 144 -6.62 -16.84 17.41
C VAL C 144 -6.79 -17.20 15.89
N VAL C 145 -7.55 -18.20 15.53
CA VAL C 145 -7.61 -18.73 14.13
C VAL C 145 -8.78 -18.05 13.36
N SER C 146 -8.32 -17.35 12.30
CA SER C 146 -9.12 -16.56 11.40
C SER C 146 -8.85 -16.97 9.92
N SER C 147 -9.24 -16.06 9.02
CA SER C 147 -8.94 -16.26 7.64
C SER C 147 -8.47 -15.07 6.89
N VAL C 148 -8.21 -15.40 5.67
CA VAL C 148 -8.14 -14.44 4.64
C VAL C 148 -9.44 -13.60 4.79
N ALA C 149 -10.56 -14.31 4.94
CA ALA C 149 -11.90 -13.73 4.97
C ALA C 149 -12.18 -13.03 6.32
N GLY C 150 -11.19 -13.07 7.23
CA GLY C 150 -11.17 -12.13 8.36
C GLY C 150 -10.38 -10.84 8.04
N LYS C 151 -9.88 -10.71 6.79
CA LYS C 151 -9.11 -9.52 6.43
C LYS C 151 -9.64 -8.77 5.22
N ILE C 152 -10.36 -9.55 4.41
CA ILE C 152 -11.07 -9.08 3.26
C ILE C 152 -12.42 -9.75 3.11
N THR C 153 -13.28 -9.29 2.21
CA THR C 153 -14.58 -9.90 2.08
C THR C 153 -14.61 -10.80 0.83
N TYR C 154 -15.31 -11.95 0.90
CA TYR C 154 -15.70 -12.76 -0.24
C TYR C 154 -17.21 -12.94 -0.30
N PRO C 155 -17.82 -12.92 -1.46
CA PRO C 155 -19.22 -13.30 -1.55
C PRO C 155 -19.51 -14.68 -0.99
N LEU C 156 -20.59 -14.82 -0.25
CA LEU C 156 -21.22 -16.05 0.15
C LEU C 156 -20.94 -16.39 1.59
N ILE C 157 -20.04 -15.62 2.24
CA ILE C 157 -19.67 -15.88 3.63
C ILE C 157 -19.83 -14.73 4.65
N ALA C 158 -20.91 -13.95 4.52
CA ALA C 158 -21.06 -12.66 5.30
C ALA C 158 -21.09 -12.89 6.81
N PRO C 159 -21.94 -13.81 7.25
CA PRO C 159 -21.98 -14.18 8.70
C PRO C 159 -20.63 -14.68 9.26
N TYR C 160 -20.06 -15.65 8.58
CA TYR C 160 -18.68 -16.10 8.84
C TYR C 160 -17.72 -14.93 8.95
N SER C 161 -17.64 -14.11 7.91
CA SER C 161 -16.72 -12.95 7.86
C SER C 161 -16.89 -11.91 8.93
N ALA C 162 -18.09 -11.64 9.34
CA ALA C 162 -18.26 -10.58 10.29
C ALA C 162 -17.62 -11.05 11.55
N SER C 163 -17.87 -12.30 11.86
CA SER C 163 -17.29 -12.99 12.99
C SER C 163 -15.77 -13.01 13.04
N LYS C 164 -15.12 -13.33 11.94
CA LYS C 164 -13.64 -13.30 11.91
C LYS C 164 -13.06 -11.84 11.95
N PHE C 165 -13.75 -10.89 11.29
CA PHE C 165 -13.42 -9.46 11.35
C PHE C 165 -13.48 -9.05 12.79
N ALA C 166 -14.59 -9.26 13.39
CA ALA C 166 -14.77 -9.10 14.84
C ALA C 166 -13.57 -9.63 15.68
N LEU C 167 -13.09 -10.82 15.34
CA LEU C 167 -11.88 -11.37 16.04
C LEU C 167 -10.72 -10.41 16.01
N ASP C 168 -10.40 -9.98 14.80
CA ASP C 168 -9.29 -9.02 14.57
C ASP C 168 -9.44 -7.76 15.45
N GLY C 169 -10.61 -7.12 15.33
CA GLY C 169 -10.94 -5.97 16.11
C GLY C 169 -10.74 -6.18 17.60
N PHE C 170 -11.19 -7.30 18.09
CA PHE C 170 -11.10 -7.52 19.53
C PHE C 170 -9.67 -7.77 20.04
N PHE C 171 -9.02 -8.78 19.54
CA PHE C 171 -7.77 -9.29 20.02
C PHE C 171 -6.63 -8.33 19.71
N SER C 172 -6.74 -7.61 18.60
CA SER C 172 -5.66 -6.75 18.16
C SER C 172 -5.58 -5.57 19.15
N THR C 173 -6.73 -5.19 19.63
CA THR C 173 -6.88 -4.14 20.58
C THR C 173 -6.34 -4.67 21.89
N LEU C 174 -6.83 -5.85 22.27
CA LEU C 174 -6.41 -6.43 23.55
C LEU C 174 -4.90 -6.46 23.55
N ARG C 175 -4.28 -6.89 22.42
CA ARG C 175 -2.81 -6.96 22.31
C ARG C 175 -2.10 -5.56 22.44
N SER C 176 -2.63 -4.48 21.90
CA SER C 176 -2.06 -3.16 22.12
C SER C 176 -2.13 -2.83 23.66
N GLU C 177 -3.25 -3.21 24.29
CA GLU C 177 -3.45 -2.91 25.66
C GLU C 177 -2.34 -3.66 26.38
N PHE C 178 -2.23 -4.98 26.26
CA PHE C 178 -1.19 -5.77 26.98
C PHE C 178 0.23 -5.19 26.69
N LEU C 179 0.54 -4.84 25.44
CA LEU C 179 1.87 -4.27 25.23
C LEU C 179 2.11 -3.11 26.20
N VAL C 180 1.16 -2.16 26.25
CA VAL C 180 1.30 -0.86 26.93
C VAL C 180 1.34 -1.07 28.43
N ASN C 181 0.56 -2.07 28.92
CA ASN C 181 0.56 -2.47 30.35
C ASN C 181 1.68 -3.40 30.84
N LYS C 182 2.47 -3.84 29.92
CA LYS C 182 3.52 -4.78 30.23
C LYS C 182 2.87 -6.06 30.89
N VAL C 183 1.67 -6.48 30.39
CA VAL C 183 1.14 -7.88 30.48
C VAL C 183 1.80 -8.84 29.42
N ASN C 184 2.51 -9.89 29.85
CA ASN C 184 3.39 -10.71 29.00
C ASN C 184 2.55 -11.91 28.61
N VAL C 185 1.36 -11.62 28.06
CA VAL C 185 0.59 -12.62 27.32
C VAL C 185 0.48 -12.24 25.82
N SER C 186 1.00 -13.09 24.96
CA SER C 186 1.03 -12.92 23.57
C SER C 186 -0.23 -13.46 22.97
N ILE C 187 -0.66 -12.74 21.92
CA ILE C 187 -1.85 -12.99 21.16
C ILE C 187 -1.40 -13.02 19.73
N THR C 188 -1.83 -14.01 18.97
CA THR C 188 -1.30 -14.31 17.66
C THR C 188 -2.44 -14.51 16.73
N LEU C 189 -2.71 -13.62 15.75
CA LEU C 189 -3.78 -13.91 14.77
C LEU C 189 -3.28 -14.73 13.70
N CYS C 190 -3.85 -15.87 13.51
CA CYS C 190 -3.54 -16.76 12.40
C CYS C 190 -4.53 -16.49 11.29
N ILE C 191 -4.01 -16.09 10.14
CA ILE C 191 -4.79 -15.76 8.95
C ILE C 191 -4.50 -16.88 7.94
N LEU C 192 -5.44 -17.79 7.77
CA LEU C 192 -5.31 -18.96 6.87
C LEU C 192 -6.03 -18.71 5.53
N GLY C 193 -5.40 -19.06 4.41
CA GLY C 193 -6.15 -19.18 3.18
C GLY C 193 -6.88 -20.51 3.15
N LEU C 194 -7.28 -20.90 1.94
CA LEU C 194 -7.86 -22.19 1.68
C LEU C 194 -6.87 -23.29 2.12
N ILE C 195 -7.32 -24.10 3.13
CA ILE C 195 -6.67 -25.32 3.62
C ILE C 195 -7.50 -26.55 3.22
N ASP C 196 -6.84 -27.69 3.05
CA ASP C 196 -7.47 -28.92 2.51
C ASP C 196 -8.14 -29.88 3.50
N THR C 197 -8.96 -29.30 4.37
CA THR C 197 -9.81 -30.08 5.18
C THR C 197 -11.04 -30.40 4.39
N GLU C 198 -11.82 -31.37 4.84
CA GLU C 198 -12.99 -31.80 4.07
C GLU C 198 -14.19 -30.85 4.02
N THR C 199 -14.77 -30.47 5.15
CA THR C 199 -15.56 -29.24 5.22
C THR C 199 -15.17 -28.15 4.16
N ALA C 200 -13.95 -27.64 4.25
CA ALA C 200 -13.58 -26.48 3.48
C ALA C 200 -13.64 -26.73 1.97
N ILE C 201 -13.51 -28.01 1.58
CA ILE C 201 -13.24 -28.44 0.19
C ILE C 201 -14.51 -28.95 -0.46
N LYS C 202 -15.30 -29.67 0.34
CA LYS C 202 -16.75 -29.89 0.14
C LYS C 202 -17.66 -28.59 0.01
N ALA C 203 -17.61 -27.64 0.97
CA ALA C 203 -18.44 -26.42 0.89
C ALA C 203 -18.17 -25.63 -0.42
N THR C 204 -16.90 -25.65 -0.85
CA THR C 204 -16.37 -24.90 -2.03
C THR C 204 -16.45 -25.64 -3.42
N SER C 205 -16.82 -26.94 -3.44
CA SER C 205 -16.95 -27.67 -4.72
C SER C 205 -17.82 -26.88 -5.67
N GLY C 206 -17.40 -26.63 -6.88
CA GLY C 206 -18.27 -25.91 -7.80
C GLY C 206 -18.15 -24.37 -7.82
N ILE C 207 -17.56 -23.78 -6.77
CA ILE C 207 -17.44 -22.35 -6.53
C ILE C 207 -16.01 -21.79 -6.70
N TYR C 208 -15.03 -22.25 -5.91
CA TYR C 208 -13.56 -21.96 -6.08
C TYR C 208 -12.75 -23.18 -6.56
N LEU C 209 -11.84 -23.10 -7.64
CA LEU C 209 -11.18 -24.32 -8.09
C LEU C 209 -9.68 -24.24 -7.83
N GLY C 210 -9.01 -23.18 -7.21
CA GLY C 210 -7.59 -22.97 -6.86
C GLY C 210 -6.95 -23.44 -5.52
N PRO C 211 -5.63 -23.41 -5.45
CA PRO C 211 -4.88 -24.22 -4.49
C PRO C 211 -5.31 -24.09 -2.99
N ALA C 212 -5.27 -25.30 -2.43
CA ALA C 212 -5.50 -25.59 -1.06
C ALA C 212 -4.18 -26.06 -0.47
N SER C 213 -3.90 -25.58 0.72
CA SER C 213 -2.61 -25.84 1.39
C SER C 213 -2.79 -27.02 2.27
N PRO C 214 -1.76 -27.82 2.53
CA PRO C 214 -2.01 -29.05 3.31
C PRO C 214 -2.27 -28.71 4.74
N LYS C 215 -3.23 -29.37 5.33
CA LYS C 215 -3.58 -29.16 6.67
C LYS C 215 -2.59 -29.60 7.75
N GLU C 216 -1.63 -30.52 7.44
CA GLU C 216 -0.69 -30.90 8.49
C GLU C 216 0.26 -29.72 8.66
N GLU C 217 0.71 -29.16 7.54
CA GLU C 217 1.63 -28.01 7.58
C GLU C 217 1.03 -26.69 8.20
N CYS C 218 0.00 -26.09 7.60
CA CYS C 218 -0.85 -25.10 8.31
C CYS C 218 -0.82 -25.08 9.86
N ALA C 219 -1.12 -26.24 10.48
CA ALA C 219 -1.25 -26.45 11.95
C ALA C 219 0.10 -26.33 12.65
N LEU C 220 1.12 -26.86 11.99
CA LEU C 220 2.49 -26.76 12.46
C LEU C 220 2.85 -25.24 12.54
N GLU C 221 2.83 -24.58 11.38
CA GLU C 221 2.96 -23.12 11.27
C GLU C 221 2.12 -22.29 12.24
N ILE C 222 0.91 -22.72 12.54
CA ILE C 222 0.10 -22.00 13.61
C ILE C 222 0.85 -22.03 14.97
N ILE C 223 1.19 -23.22 15.49
CA ILE C 223 2.04 -23.37 16.64
C ILE C 223 3.34 -22.57 16.60
N LYS C 224 4.14 -22.69 15.55
CA LYS C 224 5.42 -21.98 15.58
C LYS C 224 5.22 -20.47 15.74
N GLY C 225 4.23 -19.91 15.07
CA GLY C 225 3.97 -18.48 15.12
C GLY C 225 3.67 -18.11 16.51
N THR C 226 2.83 -18.94 17.12
CA THR C 226 2.34 -18.74 18.47
C THR C 226 3.40 -19.00 19.53
N ALA C 227 4.28 -19.96 19.26
CA ALA C 227 5.41 -20.14 20.12
C ALA C 227 6.28 -18.96 20.02
N LEU C 228 6.51 -18.44 18.79
CA LEU C 228 7.46 -17.33 18.66
C LEU C 228 6.83 -16.01 19.06
N ARG C 229 5.58 -16.00 19.50
CA ARG C 229 4.93 -14.74 19.97
C ARG C 229 4.77 -13.70 18.96
N GLN C 230 4.33 -14.10 17.76
CA GLN C 230 4.20 -13.13 16.64
C GLN C 230 2.88 -12.48 16.71
N ASP C 231 2.80 -11.23 16.28
CA ASP C 231 1.48 -10.59 16.34
C ASP C 231 0.56 -11.32 15.40
N GLU C 232 1.13 -11.66 14.22
CA GLU C 232 0.36 -12.22 13.10
C GLU C 232 1.13 -13.37 12.52
N MET C 233 0.41 -14.26 11.89
CA MET C 233 0.98 -15.48 11.36
C MET C 233 0.13 -15.83 10.15
N TYR C 234 0.69 -15.60 8.95
CA TYR C 234 -0.06 -15.78 7.67
C TYR C 234 0.33 -17.17 7.07
N TYR C 235 -0.63 -18.04 6.72
CA TYR C 235 -0.37 -19.26 5.91
C TYR C 235 -1.51 -19.39 4.89
N VAL C 236 -1.28 -18.89 3.69
CA VAL C 236 -2.29 -18.63 2.67
C VAL C 236 -1.87 -18.99 1.23
N GLY C 237 -0.82 -19.76 1.07
CA GLY C 237 -0.49 -20.22 -0.28
C GLY C 237 0.52 -19.46 -1.16
N SER C 238 1.25 -18.48 -0.61
CA SER C 238 1.99 -17.53 -1.41
C SER C 238 2.98 -16.79 -0.55
N ARG C 239 4.22 -16.61 -1.00
CA ARG C 239 5.17 -15.68 -0.30
C ARG C 239 4.55 -14.18 -0.25
N TRP C 240 3.68 -13.85 -1.21
CA TRP C 240 3.32 -12.46 -1.46
C TRP C 240 1.98 -12.06 -0.86
N VAL C 241 0.93 -12.77 -1.20
CA VAL C 241 -0.37 -12.42 -0.65
C VAL C 241 -0.37 -11.97 0.84
N PRO C 242 0.49 -12.45 1.76
CA PRO C 242 0.56 -11.92 3.11
C PRO C 242 0.70 -10.42 3.17
N TYR C 243 1.44 -9.91 2.18
CA TYR C 243 1.84 -8.52 2.12
C TYR C 243 0.68 -7.66 1.62
N LEU C 244 -0.20 -8.22 0.82
CA LEU C 244 -1.37 -7.49 0.43
C LEU C 244 -2.48 -7.41 1.49
N LEU C 245 -2.55 -8.41 2.38
CA LEU C 245 -3.50 -8.44 3.48
C LEU C 245 -2.99 -7.68 4.75
N GLY C 246 -1.73 -7.28 4.71
CA GLY C 246 -1.08 -6.85 5.92
C GLY C 246 -1.25 -5.43 6.27
N ASN C 247 -1.81 -4.70 5.36
CA ASN C 247 -2.21 -3.37 5.74
C ASN C 247 -1.10 -2.51 6.45
N PRO C 248 -0.03 -2.17 5.73
CA PRO C 248 1.02 -1.28 6.31
C PRO C 248 0.41 -0.02 6.88
N GLY C 249 -0.59 0.44 6.16
CA GLY C 249 -1.24 1.70 6.52
C GLY C 249 -2.00 1.60 7.80
N ARG C 250 -2.38 0.38 8.23
CA ARG C 250 -3.01 0.24 9.60
C ARG C 250 -1.99 0.35 10.78
N LYS C 251 -0.78 -0.14 10.45
CA LYS C 251 0.35 -0.31 11.35
C LYS C 251 0.89 1.07 11.63
N ILE C 252 1.15 1.80 10.55
CA ILE C 252 1.41 3.22 10.64
C ILE C 252 0.45 4.02 11.56
N MET C 253 -0.85 4.06 11.24
CA MET C 253 -1.84 4.86 12.01
C MET C 253 -1.96 4.42 13.50
N GLU C 254 -1.79 3.12 13.82
CA GLU C 254 -1.81 2.57 15.16
C GLU C 254 -0.60 3.09 15.93
N PHE C 255 0.60 2.96 15.33
CA PHE C 255 1.79 3.50 15.95
C PHE C 255 1.65 4.99 16.23
N LEU C 256 1.12 5.81 15.30
CA LEU C 256 0.97 7.27 15.53
C LEU C 256 -0.15 7.73 16.51
N SER C 257 -1.27 6.99 16.56
CA SER C 257 -2.39 7.27 17.42
C SER C 257 -2.05 7.09 18.91
N ALA C 258 -1.07 6.23 19.22
CA ALA C 258 -0.57 6.03 20.57
C ALA C 258 0.11 7.29 21.21
N ALA C 259 1.01 7.97 20.49
CA ALA C 259 1.36 9.36 20.74
C ALA C 259 0.28 10.32 21.25
N GLU C 260 -0.93 10.19 20.76
CA GLU C 260 -1.98 11.11 21.15
C GLU C 260 -2.80 10.63 22.43
N TYR C 261 -2.30 9.62 23.15
CA TYR C 261 -2.93 9.16 24.41
C TYR C 261 -2.16 9.76 25.57
N ASN C 262 -2.84 9.97 26.71
CA ASN C 262 -2.23 10.57 27.90
C ASN C 262 -1.88 9.39 28.82
N TRP C 263 -0.75 8.78 28.49
CA TRP C 263 -0.33 7.57 29.18
C TRP C 263 -0.12 7.69 30.69
N ASP C 264 0.20 8.86 31.18
CA ASP C 264 0.00 9.14 32.64
C ASP C 264 -1.31 8.72 33.33
N ASN C 265 -2.48 9.22 32.87
CA ASN C 265 -3.78 8.60 33.16
C ASN C 265 -4.02 7.19 32.41
N LYS D 3 -22.10 15.35 -8.50
CA LYS D 3 -22.25 16.47 -7.49
C LYS D 3 -23.53 16.33 -6.64
N PHE D 4 -23.38 16.38 -5.31
CA PHE D 4 -24.58 16.37 -4.50
C PHE D 4 -25.49 17.62 -4.71
N ARG D 5 -26.79 17.43 -4.89
CA ARG D 5 -27.74 18.54 -4.59
C ARG D 5 -28.68 18.24 -3.42
N PRO D 6 -29.05 19.24 -2.61
CA PRO D 6 -30.08 19.08 -1.56
C PRO D 6 -31.44 18.47 -2.01
N GLU D 7 -31.84 18.78 -3.24
CA GLU D 7 -33.15 18.39 -3.68
C GLU D 7 -33.14 16.91 -4.10
N MET D 8 -31.98 16.22 -4.08
CA MET D 8 -31.92 14.68 -3.98
C MET D 8 -32.66 14.08 -2.74
N LEU D 9 -32.92 14.87 -1.74
CA LEU D 9 -33.52 14.31 -0.58
C LEU D 9 -34.91 14.87 -0.22
N GLN D 10 -35.41 15.83 -1.05
CA GLN D 10 -36.79 16.34 -1.00
C GLN D 10 -37.84 15.22 -1.13
N GLY D 11 -38.69 15.09 -0.10
CA GLY D 11 -39.78 14.10 -0.12
C GLY D 11 -39.39 12.61 -0.03
N LYS D 12 -38.08 12.36 0.17
CA LYS D 12 -37.47 11.05 0.48
C LYS D 12 -37.74 10.59 1.87
N LYS D 13 -38.08 9.34 1.96
CA LYS D 13 -38.37 8.70 3.22
C LYS D 13 -37.05 8.21 3.87
N VAL D 14 -36.78 8.77 5.04
CA VAL D 14 -35.55 8.49 5.75
C VAL D 14 -35.84 8.14 7.19
N ILE D 15 -35.24 7.04 7.60
CA ILE D 15 -35.09 6.59 8.99
C ILE D 15 -33.68 6.92 9.39
N VAL D 16 -33.57 7.49 10.55
CA VAL D 16 -32.28 7.82 11.19
C VAL D 16 -32.40 7.19 12.54
N THR D 17 -31.43 6.32 12.91
CA THR D 17 -31.36 5.82 14.31
C THR D 17 -30.31 6.57 15.12
N GLY D 18 -30.34 6.54 16.43
CA GLY D 18 -29.29 7.22 17.13
C GLY D 18 -29.53 8.71 16.99
N ALA D 19 -30.77 9.09 16.76
CA ALA D 19 -31.05 10.47 16.22
C ALA D 19 -31.38 11.53 17.28
N SER D 20 -31.15 11.21 18.57
CA SER D 20 -31.67 12.06 19.69
C SER D 20 -30.66 13.09 20.07
N LYS D 21 -29.45 12.94 19.61
CA LYS D 21 -28.37 13.75 20.17
C LYS D 21 -27.29 13.52 19.22
N GLY D 22 -26.22 14.34 19.21
CA GLY D 22 -25.01 13.91 18.56
C GLY D 22 -25.12 13.97 17.08
N ILE D 23 -24.44 13.08 16.37
CA ILE D 23 -24.43 13.08 14.90
C ILE D 23 -25.77 12.84 14.32
N GLY D 24 -26.48 11.83 14.86
CA GLY D 24 -27.79 11.48 14.41
C GLY D 24 -28.74 12.67 14.51
N ARG D 25 -28.79 13.35 15.63
CA ARG D 25 -29.61 14.59 15.71
C ARG D 25 -29.20 15.63 14.70
N GLU D 26 -27.94 15.82 14.43
CA GLU D 26 -27.65 16.74 13.32
C GLU D 26 -28.16 16.22 11.99
N ILE D 27 -28.39 14.94 11.83
CA ILE D 27 -28.63 14.33 10.53
C ILE D 27 -30.12 14.44 10.25
N ALA D 28 -30.91 14.21 11.30
CA ALA D 28 -32.30 14.55 11.17
C ALA D 28 -32.45 16.02 10.64
N TYR D 29 -31.66 16.98 11.18
CA TYR D 29 -31.87 18.41 10.86
C TYR D 29 -31.70 18.71 9.43
N HIS D 30 -30.52 18.32 8.96
CA HIS D 30 -30.12 18.57 7.63
C HIS D 30 -31.18 17.95 6.78
N LEU D 31 -31.67 16.75 7.14
CA LEU D 31 -32.66 16.08 6.30
C LEU D 31 -33.89 16.90 6.25
N ALA D 32 -34.29 17.37 7.41
CA ALA D 32 -35.45 18.21 7.57
C ALA D 32 -35.29 19.57 6.80
N LYS D 33 -34.09 20.15 6.58
CA LYS D 33 -34.02 21.40 5.81
C LYS D 33 -34.22 21.08 4.35
N MET D 34 -33.90 19.90 4.09
CA MET D 34 -33.85 19.34 2.75
C MET D 34 -35.23 18.88 2.29
N GLY D 35 -36.13 18.86 3.34
CA GLY D 35 -37.54 18.59 3.19
C GLY D 35 -37.95 17.15 3.12
N ALA D 36 -37.22 16.20 3.73
CA ALA D 36 -37.60 14.78 3.64
C ALA D 36 -38.66 14.32 4.66
N HIS D 37 -39.29 13.20 4.40
CA HIS D 37 -39.92 12.47 5.46
C HIS D 37 -38.85 11.85 6.38
N VAL D 38 -39.09 11.91 7.69
CA VAL D 38 -38.19 11.31 8.71
C VAL D 38 -38.93 10.53 9.75
N VAL D 39 -38.34 9.41 10.12
CA VAL D 39 -38.60 8.77 11.42
C VAL D 39 -37.29 8.64 12.21
N VAL D 40 -37.22 9.31 13.38
CA VAL D 40 -36.10 9.20 14.31
C VAL D 40 -36.33 8.17 15.42
N THR D 41 -35.28 7.47 15.86
CA THR D 41 -35.47 6.56 16.97
C THR D 41 -34.28 6.67 17.81
N ALA D 42 -34.51 6.16 19.06
CA ALA D 42 -33.59 6.13 20.17
C ALA D 42 -34.32 5.59 21.46
N ARG D 43 -33.70 5.63 22.62
CA ARG D 43 -34.43 5.13 23.80
C ARG D 43 -35.38 6.23 24.32
N SER D 44 -34.88 7.45 24.45
CA SER D 44 -35.61 8.58 25.11
C SER D 44 -36.67 9.35 24.40
N LYS D 45 -37.91 9.24 24.84
CA LYS D 45 -39.04 9.89 24.14
C LYS D 45 -38.81 11.38 24.19
N GLU D 46 -38.30 11.90 25.31
CA GLU D 46 -38.17 13.35 25.47
C GLU D 46 -37.29 13.93 24.44
N ALA D 47 -36.10 13.33 24.39
CA ALA D 47 -35.01 13.85 23.63
C ALA D 47 -35.42 13.78 22.20
N LEU D 48 -36.00 12.70 21.79
CA LEU D 48 -36.51 12.54 20.41
C LEU D 48 -37.64 13.50 20.06
N GLN D 49 -38.54 13.71 20.98
CA GLN D 49 -39.68 14.60 20.77
C GLN D 49 -39.15 15.95 20.47
N LYS D 50 -38.13 16.38 21.19
CA LYS D 50 -37.57 17.70 20.90
C LYS D 50 -37.04 17.64 19.52
N VAL D 51 -36.48 16.53 19.08
CA VAL D 51 -35.94 16.50 17.69
C VAL D 51 -37.03 16.69 16.54
N VAL D 52 -38.16 16.08 16.79
CA VAL D 52 -39.14 15.94 15.77
C VAL D 52 -39.57 17.41 15.68
N ALA D 53 -39.99 18.01 16.80
CA ALA D 53 -40.42 19.39 16.81
C ALA D 53 -39.44 20.31 16.16
N ARG D 54 -38.12 20.12 16.29
CA ARG D 54 -37.13 20.92 15.51
C ARG D 54 -37.11 20.54 14.06
N CYS D 55 -37.19 19.28 13.73
CA CYS D 55 -37.35 18.93 12.30
C CYS D 55 -38.50 19.60 11.60
N LEU D 56 -39.74 19.50 12.12
CA LEU D 56 -40.93 20.20 11.57
C LEU D 56 -40.78 21.68 11.33
N GLU D 57 -40.06 22.34 12.22
CA GLU D 57 -39.75 23.78 12.03
C GLU D 57 -38.72 24.08 10.90
N LEU D 58 -37.81 23.14 10.66
CA LEU D 58 -36.83 23.28 9.61
C LEU D 58 -37.37 22.93 8.20
N GLY D 59 -38.59 22.43 8.15
CA GLY D 59 -39.28 22.18 6.92
C GLY D 59 -39.36 20.73 6.59
N ALA D 60 -39.12 19.83 7.50
CA ALA D 60 -39.32 18.43 7.22
C ALA D 60 -40.72 18.31 6.71
N ALA D 61 -40.86 17.44 5.75
CA ALA D 61 -42.16 17.24 5.15
C ALA D 61 -42.91 16.35 6.08
N SER D 62 -42.22 15.50 6.82
CA SER D 62 -42.84 14.69 7.90
C SER D 62 -41.81 14.63 9.01
N ALA D 63 -42.23 14.34 10.23
CA ALA D 63 -41.26 13.96 11.26
C ALA D 63 -41.99 13.23 12.35
N HIS D 64 -41.56 12.01 12.65
CA HIS D 64 -42.21 11.18 13.62
C HIS D 64 -41.07 10.44 14.34
N TYR D 65 -41.31 9.94 15.54
CA TYR D 65 -40.28 9.23 16.28
C TYR D 65 -40.86 7.99 16.87
N ILE D 66 -40.00 7.03 17.17
CA ILE D 66 -40.40 5.74 17.78
C ILE D 66 -39.26 5.39 18.75
N ALA D 67 -39.63 5.41 20.04
CA ALA D 67 -38.66 5.32 21.14
C ALA D 67 -38.39 3.87 21.35
N GLY D 68 -37.17 3.35 21.38
CA GLY D 68 -36.90 1.97 21.82
C GLY D 68 -35.42 1.65 22.00
N SER D 69 -35.08 0.64 22.76
CA SER D 69 -33.76 0.09 22.72
C SER D 69 -33.44 -0.85 21.54
N MET D 70 -32.28 -0.65 20.92
CA MET D 70 -31.75 -1.57 19.90
C MET D 70 -30.95 -2.76 20.44
N GLU D 71 -30.92 -2.94 21.73
CA GLU D 71 -30.60 -4.24 22.33
C GLU D 71 -31.72 -5.24 22.06
N ASP D 72 -32.91 -4.78 21.72
CA ASP D 72 -34.06 -5.68 21.58
C ASP D 72 -34.42 -5.93 20.12
N MET D 73 -34.10 -7.14 19.62
CA MET D 73 -34.28 -7.43 18.17
C MET D 73 -35.70 -7.34 17.66
N THR D 74 -36.68 -7.51 18.55
CA THR D 74 -38.08 -7.42 18.15
C THR D 74 -38.49 -6.00 17.86
N PHE D 75 -38.21 -5.13 18.80
CA PHE D 75 -38.33 -3.66 18.61
C PHE D 75 -37.70 -3.21 17.31
N ALA D 76 -36.50 -3.68 17.01
CA ALA D 76 -35.82 -3.31 15.71
C ALA D 76 -36.54 -3.64 14.43
N GLU D 77 -36.80 -4.92 14.37
CA GLU D 77 -37.71 -5.48 13.39
C GLU D 77 -39.09 -4.72 13.36
N GLU D 78 -39.80 -4.65 14.45
CA GLU D 78 -41.10 -3.86 14.46
C GLU D 78 -40.93 -2.30 14.24
N PHE D 79 -39.92 -1.64 14.80
CA PHE D 79 -39.64 -0.24 14.49
C PHE D 79 -39.65 0.04 12.96
N VAL D 80 -39.05 -0.88 12.22
CA VAL D 80 -38.91 -0.60 10.78
C VAL D 80 -40.22 -0.84 10.05
N ALA D 81 -41.06 -1.80 10.44
CA ALA D 81 -42.35 -1.89 9.76
C ALA D 81 -43.13 -0.60 10.02
N GLU D 82 -43.26 -0.15 11.25
CA GLU D 82 -44.04 1.09 11.50
C GLU D 82 -43.47 2.41 10.97
N ALA D 83 -42.16 2.54 10.92
CA ALA D 83 -41.55 3.68 10.22
C ALA D 83 -42.06 3.78 8.76
N GLY D 84 -42.19 2.60 8.14
CA GLY D 84 -42.65 2.49 6.77
C GLY D 84 -44.16 2.73 6.57
N ASN D 85 -45.06 2.06 7.29
CA ASN D 85 -46.43 2.51 7.30
C ASN D 85 -46.34 4.01 7.44
N LEU D 86 -45.57 4.55 8.41
CA LEU D 86 -45.79 5.96 8.80
C LEU D 86 -45.42 6.84 7.62
N MET D 87 -44.60 6.41 6.70
CA MET D 87 -44.30 7.24 5.54
C MET D 87 -44.70 6.55 4.18
N GLY D 88 -45.37 5.40 4.30
CA GLY D 88 -45.76 4.60 3.17
C GLY D 88 -44.60 4.30 2.26
N GLY D 89 -43.50 3.74 2.80
CA GLY D 89 -42.25 3.36 2.12
C GLY D 89 -40.91 3.83 2.79
N LEU D 90 -39.76 3.47 2.16
CA LEU D 90 -38.39 3.73 2.65
C LEU D 90 -37.34 3.89 1.52
N ASP D 91 -36.76 5.09 1.46
CA ASP D 91 -35.73 5.45 0.50
C ASP D 91 -34.30 5.35 1.11
N MET D 92 -34.25 5.45 2.43
CA MET D 92 -32.97 5.53 3.09
C MET D 92 -32.89 5.23 4.62
N LEU D 93 -32.01 4.28 4.95
CA LEU D 93 -31.91 3.77 6.30
C LEU D 93 -30.49 4.17 6.75
N ILE D 94 -30.41 5.08 7.75
CA ILE D 94 -29.16 5.59 8.26
C ILE D 94 -29.00 5.00 9.70
N LEU D 95 -28.08 4.06 9.76
CA LEU D 95 -27.80 3.27 10.92
C LEU D 95 -26.69 3.91 11.73
N ASN D 96 -27.04 4.57 12.82
CA ASN D 96 -26.06 5.51 13.39
C ASN D 96 -25.85 5.31 14.89
N HIS D 97 -26.79 4.61 15.59
CA HIS D 97 -26.63 4.34 17.01
C HIS D 97 -25.55 3.40 17.36
N VAL D 98 -25.16 3.59 18.61
CA VAL D 98 -24.07 2.95 19.23
C VAL D 98 -24.34 2.91 20.78
N LEU D 99 -23.60 2.02 21.49
CA LEU D 99 -23.86 1.60 22.83
C LEU D 99 -22.91 2.36 23.64
N TYR D 100 -23.43 3.14 24.61
CA TYR D 100 -22.58 3.95 25.44
C TYR D 100 -21.55 3.05 26.12
N ASN D 101 -20.27 3.43 26.05
CA ASN D 101 -19.15 2.75 26.71
C ASN D 101 -18.00 3.76 27.18
N ARG D 102 -17.47 3.61 28.39
CA ARG D 102 -16.29 4.41 28.62
C ARG D 102 -15.07 3.73 28.02
N LEU D 103 -14.04 4.52 27.85
CA LEU D 103 -12.71 4.07 27.58
C LEU D 103 -11.94 3.47 28.78
N THR D 104 -11.78 2.17 28.74
CA THR D 104 -11.05 1.56 29.79
C THR D 104 -10.28 0.35 29.23
N PHE D 105 -9.18 -0.02 29.89
CA PHE D 105 -8.58 -1.34 29.58
C PHE D 105 -9.72 -2.37 29.72
N PHE D 106 -9.64 -3.45 28.93
CA PHE D 106 -10.59 -4.59 29.05
C PHE D 106 -10.06 -5.57 30.16
N HIS D 107 -10.90 -5.83 31.17
CA HIS D 107 -10.47 -6.63 32.33
C HIS D 107 -11.50 -7.79 32.45
N GLY D 108 -11.93 -8.30 31.33
CA GLY D 108 -12.90 -9.35 31.33
C GLY D 108 -14.39 -8.99 31.43
N GLU D 109 -14.83 -7.82 30.96
CA GLU D 109 -16.27 -7.52 31.08
C GLU D 109 -17.06 -8.22 29.94
N ILE D 110 -17.45 -9.48 30.15
CA ILE D 110 -18.05 -10.31 29.10
C ILE D 110 -19.40 -9.73 28.76
N ASP D 111 -20.18 -9.26 29.76
CA ASP D 111 -21.52 -8.69 29.46
C ASP D 111 -21.43 -7.53 28.54
N ASN D 112 -20.46 -6.64 28.77
CA ASN D 112 -20.40 -5.42 27.93
C ASN D 112 -20.04 -5.83 26.48
N VAL D 113 -19.23 -6.90 26.37
CA VAL D 113 -18.89 -7.42 25.08
C VAL D 113 -20.09 -7.80 24.24
N ARG D 114 -20.98 -8.53 24.86
CA ARG D 114 -22.16 -8.99 24.18
C ARG D 114 -23.26 -7.91 24.02
N LYS D 115 -23.42 -7.04 25.00
CA LYS D 115 -24.37 -5.96 24.88
C LYS D 115 -23.93 -5.05 23.72
N SER D 116 -22.66 -4.83 23.55
CA SER D 116 -22.06 -4.03 22.51
C SER D 116 -22.18 -4.72 21.16
N MET D 117 -21.89 -6.01 21.10
CA MET D 117 -22.08 -6.63 19.83
C MET D 117 -23.54 -6.50 19.43
N GLU D 118 -24.54 -6.54 20.33
CA GLU D 118 -25.98 -6.63 19.97
C GLU D 118 -26.46 -5.27 19.58
N VAL D 119 -26.16 -4.31 20.42
CA VAL D 119 -26.62 -3.01 20.14
C VAL D 119 -26.04 -2.45 18.83
N ASN D 120 -24.73 -2.50 18.68
CA ASN D 120 -23.95 -1.83 17.61
C ASN D 120 -23.96 -2.67 16.32
N PHE D 121 -24.16 -3.98 16.38
CA PHE D 121 -23.90 -4.74 15.16
C PHE D 121 -25.10 -5.49 14.72
N HIS D 122 -25.52 -6.48 15.50
CA HIS D 122 -26.74 -7.26 15.21
C HIS D 122 -28.01 -6.49 14.97
N SER D 123 -28.25 -5.41 15.76
CA SER D 123 -29.45 -4.62 15.54
C SER D 123 -29.50 -4.11 14.10
N PHE D 124 -28.40 -3.46 13.62
CA PHE D 124 -28.13 -3.00 12.22
C PHE D 124 -28.47 -4.07 11.15
N VAL D 125 -28.18 -5.29 11.51
CA VAL D 125 -28.37 -6.38 10.63
C VAL D 125 -29.84 -6.56 10.56
N VAL D 126 -30.49 -6.58 11.72
CA VAL D 126 -31.92 -6.83 11.81
C VAL D 126 -32.69 -5.80 11.10
N LEU D 127 -32.24 -4.57 11.21
CA LEU D 127 -32.93 -3.46 10.66
C LEU D 127 -32.73 -3.53 9.15
N SER D 128 -31.57 -4.02 8.73
CA SER D 128 -31.25 -3.92 7.33
C SER D 128 -32.22 -4.87 6.66
N VAL D 129 -32.39 -6.03 7.24
CA VAL D 129 -33.24 -7.07 6.66
C VAL D 129 -34.73 -6.64 6.66
N ALA D 130 -35.21 -6.18 7.84
CA ALA D 130 -36.56 -5.68 7.98
C ALA D 130 -36.83 -4.63 6.90
N ALA D 131 -35.78 -3.89 6.51
CA ALA D 131 -35.89 -2.79 5.56
C ALA D 131 -35.66 -3.22 4.10
N MET D 132 -35.05 -4.36 3.85
CA MET D 132 -34.78 -4.78 2.48
C MET D 132 -35.94 -4.72 1.47
N PRO D 133 -37.10 -5.34 1.69
CA PRO D 133 -38.18 -5.31 0.73
C PRO D 133 -38.58 -3.90 0.30
N MET D 134 -38.47 -2.87 1.15
CA MET D 134 -38.89 -1.50 0.86
C MET D 134 -37.85 -0.79 0.00
N LEU D 135 -36.58 -0.79 0.38
CA LEU D 135 -35.38 -0.39 -0.25
C LEU D 135 -35.14 -1.10 -1.56
N MET D 136 -35.61 -2.31 -1.72
CA MET D 136 -35.61 -2.79 -3.11
C MET D 136 -36.65 -2.02 -3.96
N GLN D 137 -37.87 -1.83 -3.46
CA GLN D 137 -38.90 -1.15 -4.27
C GLN D 137 -38.38 0.17 -4.69
N SER D 138 -37.55 0.72 -3.86
CA SER D 138 -37.24 2.12 -3.90
C SER D 138 -35.89 2.41 -4.50
N GLN D 139 -35.05 1.39 -4.58
CA GLN D 139 -33.66 1.59 -5.00
C GLN D 139 -32.96 2.62 -4.09
N GLY D 140 -33.22 2.46 -2.81
CA GLY D 140 -32.60 3.31 -1.85
C GLY D 140 -31.34 2.73 -1.26
N SER D 141 -31.09 3.10 -0.01
CA SER D 141 -29.75 3.22 0.43
C SER D 141 -29.62 2.91 1.88
N ILE D 142 -28.37 2.67 2.26
CA ILE D 142 -28.06 2.34 3.60
C ILE D 142 -26.81 3.01 3.89
N ALA D 143 -26.83 3.74 5.00
CA ALA D 143 -25.64 4.23 5.61
C ALA D 143 -25.35 3.41 6.92
N VAL D 144 -24.14 2.92 7.02
CA VAL D 144 -23.73 2.14 8.18
C VAL D 144 -22.68 3.03 8.74
N VAL D 145 -22.83 3.49 9.97
CA VAL D 145 -21.94 4.52 10.46
C VAL D 145 -20.94 3.79 11.30
N SER D 146 -19.68 4.08 11.01
CA SER D 146 -18.71 3.37 11.76
C SER D 146 -17.64 4.32 12.09
N SER D 147 -16.38 3.97 11.96
CA SER D 147 -15.39 4.70 12.71
C SER D 147 -14.07 4.26 12.31
N VAL D 148 -13.09 5.10 12.58
CA VAL D 148 -11.69 4.80 12.37
C VAL D 148 -11.34 3.45 12.97
N ALA D 149 -11.90 3.14 14.15
CA ALA D 149 -11.60 1.90 14.95
C ALA D 149 -12.54 0.79 14.47
N GLY D 150 -13.38 1.12 13.49
CA GLY D 150 -13.92 0.03 12.61
C GLY D 150 -13.03 -0.34 11.34
N LYS D 151 -11.82 0.24 11.32
CA LYS D 151 -10.82 -0.01 10.26
C LYS D 151 -9.42 -0.32 10.85
N ILE D 152 -9.06 0.24 11.99
CA ILE D 152 -7.81 -0.11 12.69
C ILE D 152 -8.19 -0.23 14.12
N THR D 153 -7.23 -0.49 14.99
CA THR D 153 -7.56 -0.55 16.40
C THR D 153 -6.96 0.62 17.26
N TYR D 154 -7.62 0.87 18.41
CA TYR D 154 -7.12 1.73 19.48
C TYR D 154 -7.16 0.97 20.84
N PRO D 155 -6.18 1.16 21.73
CA PRO D 155 -6.36 0.67 23.09
C PRO D 155 -7.57 1.31 23.69
N LEU D 156 -8.22 0.72 24.69
CA LEU D 156 -9.29 1.26 25.53
C LEU D 156 -10.74 1.00 25.05
N ILE D 157 -10.91 0.47 23.84
CA ILE D 157 -12.24 0.16 23.27
C ILE D 157 -12.46 -1.25 22.57
N ALA D 158 -11.98 -2.35 23.10
CA ALA D 158 -12.02 -3.58 22.33
C ALA D 158 -13.41 -3.96 21.95
N PRO D 159 -14.34 -3.85 22.91
CA PRO D 159 -15.76 -4.23 22.61
C PRO D 159 -16.36 -3.41 21.40
N TYR D 160 -16.10 -2.12 21.39
CA TYR D 160 -16.62 -1.21 20.37
C TYR D 160 -15.96 -1.54 19.05
N SER D 161 -14.64 -1.50 18.98
CA SER D 161 -13.84 -2.02 17.83
C SER D 161 -14.20 -3.43 17.32
N ALA D 162 -14.30 -4.43 18.19
CA ALA D 162 -14.84 -5.73 17.66
C ALA D 162 -16.04 -5.44 16.75
N SER D 163 -17.01 -4.69 17.29
CA SER D 163 -18.31 -4.64 16.69
C SER D 163 -18.32 -3.77 15.42
N LYS D 164 -17.36 -2.81 15.27
CA LYS D 164 -17.32 -1.91 14.10
C LYS D 164 -16.52 -2.58 13.05
N PHE D 165 -15.64 -3.43 13.50
CA PHE D 165 -14.88 -4.23 12.56
C PHE D 165 -15.91 -5.27 11.92
N ALA D 166 -16.71 -5.93 12.73
CA ALA D 166 -17.78 -6.83 12.29
C ALA D 166 -18.60 -6.16 11.27
N LEU D 167 -18.96 -4.89 11.49
CA LEU D 167 -19.83 -4.14 10.51
C LEU D 167 -19.35 -4.12 9.02
N ASP D 168 -18.11 -3.78 8.81
CA ASP D 168 -17.45 -3.84 7.50
C ASP D 168 -17.56 -5.24 6.86
N GLY D 169 -17.27 -6.20 7.75
CA GLY D 169 -17.02 -7.57 7.40
C GLY D 169 -18.32 -7.90 6.76
N PHE D 170 -19.41 -7.76 7.54
CA PHE D 170 -20.75 -8.08 7.05
C PHE D 170 -21.19 -7.25 5.91
N PHE D 171 -21.09 -5.92 6.06
CA PHE D 171 -21.69 -5.00 5.11
C PHE D 171 -20.89 -4.84 3.84
N SER D 172 -19.59 -5.11 3.78
CA SER D 172 -18.95 -5.11 2.43
C SER D 172 -19.24 -6.39 1.60
N THR D 173 -19.29 -7.52 2.26
CA THR D 173 -19.74 -8.75 1.65
C THR D 173 -21.14 -8.52 1.13
N LEU D 174 -22.00 -8.07 1.97
CA LEU D 174 -23.34 -7.79 1.44
C LEU D 174 -23.15 -6.93 0.18
N ARG D 175 -22.46 -5.80 0.19
CA ARG D 175 -22.40 -4.94 -1.00
C ARG D 175 -21.88 -5.69 -2.26
N SER D 176 -20.92 -6.56 -2.09
CA SER D 176 -20.47 -7.18 -3.34
C SER D 176 -21.43 -8.22 -3.73
N GLU D 177 -22.11 -8.85 -2.82
CA GLU D 177 -23.20 -9.73 -3.24
C GLU D 177 -24.24 -9.01 -4.09
N PHE D 178 -24.47 -7.71 -3.71
CA PHE D 178 -25.49 -6.91 -4.39
C PHE D 178 -25.03 -6.49 -5.77
N LEU D 179 -23.75 -6.22 -5.96
CA LEU D 179 -23.12 -5.94 -7.25
C LEU D 179 -23.20 -7.11 -8.22
N VAL D 180 -22.86 -8.28 -7.73
CA VAL D 180 -22.92 -9.42 -8.64
C VAL D 180 -24.33 -9.63 -9.11
N ASN D 181 -25.30 -9.46 -8.20
CA ASN D 181 -26.70 -9.77 -8.45
C ASN D 181 -27.53 -8.67 -8.99
N LYS D 182 -26.87 -7.60 -9.36
CA LYS D 182 -27.51 -6.45 -9.90
C LYS D 182 -28.69 -5.96 -9.06
N VAL D 183 -28.58 -6.18 -7.74
CA VAL D 183 -29.41 -5.47 -6.72
C VAL D 183 -29.07 -3.95 -6.42
N ASN D 184 -29.98 -3.01 -6.68
CA ASN D 184 -29.69 -1.54 -6.56
C ASN D 184 -30.19 -0.88 -5.21
N VAL D 185 -29.59 -1.39 -4.13
CA VAL D 185 -29.61 -0.78 -2.74
C VAL D 185 -28.12 -0.56 -2.46
N SER D 186 -27.72 0.67 -2.26
CA SER D 186 -26.34 0.96 -2.09
C SER D 186 -26.09 1.05 -0.53
N ILE D 187 -24.84 0.91 -0.15
CA ILE D 187 -24.40 0.60 1.16
C ILE D 187 -23.11 1.31 1.31
N THR D 188 -23.22 2.39 2.07
CA THR D 188 -22.17 3.31 2.40
C THR D 188 -21.78 3.10 3.88
N LEU D 189 -20.55 2.58 4.00
CA LEU D 189 -19.78 2.49 5.24
C LEU D 189 -19.15 3.86 5.46
N CYS D 190 -19.59 4.49 6.51
CA CYS D 190 -19.14 5.81 6.83
C CYS D 190 -18.12 5.52 7.90
N ILE D 191 -16.90 6.10 7.70
CA ILE D 191 -15.80 6.00 8.61
C ILE D 191 -15.58 7.39 9.22
N LEU D 192 -15.67 7.47 10.55
CA LEU D 192 -15.41 8.73 11.22
C LEU D 192 -14.16 8.79 12.12
N GLY D 193 -13.44 9.86 12.11
CA GLY D 193 -12.59 10.05 13.24
C GLY D 193 -13.32 10.74 14.38
N LEU D 194 -12.60 11.36 15.30
CA LEU D 194 -13.20 12.08 16.43
C LEU D 194 -14.06 13.25 15.99
N ILE D 195 -15.20 13.42 16.68
CA ILE D 195 -16.25 14.37 16.31
C ILE D 195 -16.71 15.07 17.58
N ASP D 196 -16.89 16.41 17.55
CA ASP D 196 -17.23 17.12 18.82
C ASP D 196 -18.58 16.83 19.40
N THR D 197 -19.06 15.61 19.46
CA THR D 197 -20.25 15.40 20.14
C THR D 197 -19.90 15.46 21.65
N GLU D 198 -20.83 16.11 22.31
CA GLU D 198 -21.02 16.02 23.75
C GLU D 198 -20.43 14.73 24.31
N THR D 199 -20.89 13.57 23.78
CA THR D 199 -20.37 12.39 24.44
C THR D 199 -18.92 11.99 24.14
N ALA D 200 -18.45 12.09 22.89
CA ALA D 200 -17.01 11.83 22.61
C ALA D 200 -16.06 12.80 23.34
N ILE D 201 -16.39 14.09 23.29
CA ILE D 201 -15.54 15.05 23.95
C ILE D 201 -15.29 14.65 25.44
N LYS D 202 -16.35 14.25 26.16
CA LYS D 202 -16.21 14.03 27.59
C LYS D 202 -15.50 12.76 27.80
N ALA D 203 -15.89 11.74 27.03
CA ALA D 203 -15.27 10.37 27.11
C ALA D 203 -13.69 10.25 26.90
N THR D 204 -13.10 11.20 26.18
CA THR D 204 -11.66 11.25 25.89
C THR D 204 -11.01 12.33 26.63
N SER D 205 -11.78 13.18 27.28
CA SER D 205 -11.19 14.29 28.01
C SER D 205 -10.28 13.56 29.02
N GLY D 206 -8.99 13.73 28.95
CA GLY D 206 -8.09 13.19 29.97
C GLY D 206 -7.30 12.00 29.47
N ILE D 207 -7.80 11.52 28.34
CA ILE D 207 -7.42 10.25 27.83
C ILE D 207 -6.88 10.39 26.46
N TYR D 208 -7.68 10.76 25.42
CA TYR D 208 -7.09 10.97 24.11
C TYR D 208 -7.09 12.45 23.73
N LEU D 209 -5.93 12.99 23.32
CA LEU D 209 -5.67 14.42 23.07
C LEU D 209 -5.52 14.89 21.56
N GLY D 210 -5.75 14.04 20.57
CA GLY D 210 -5.83 14.50 19.18
C GLY D 210 -6.98 15.45 18.83
N PRO D 211 -7.10 16.04 17.60
CA PRO D 211 -8.26 16.94 17.31
C PRO D 211 -9.64 16.29 17.01
N ALA D 212 -10.71 17.05 17.24
CA ALA D 212 -12.04 16.63 16.84
C ALA D 212 -12.47 17.41 15.63
N SER D 213 -13.40 16.84 14.87
CA SER D 213 -13.94 17.46 13.69
C SER D 213 -15.37 17.86 14.04
N PRO D 214 -15.98 18.85 13.41
CA PRO D 214 -17.38 19.29 13.70
C PRO D 214 -18.60 18.51 13.19
N LYS D 215 -19.51 18.14 14.08
CA LYS D 215 -20.59 17.19 13.86
C LYS D 215 -21.59 17.58 12.83
N GLU D 216 -21.80 18.89 12.66
CA GLU D 216 -22.77 19.38 11.67
C GLU D 216 -22.27 19.04 10.25
N GLU D 217 -21.02 19.26 9.96
CA GLU D 217 -20.40 18.94 8.65
C GLU D 217 -20.43 17.38 8.46
N CYS D 218 -20.08 16.70 9.55
CA CYS D 218 -20.02 15.25 9.63
C CYS D 218 -21.34 14.66 9.37
N ALA D 219 -22.38 15.21 9.97
CA ALA D 219 -23.75 14.78 9.64
C ALA D 219 -24.09 15.03 8.17
N LEU D 220 -23.67 16.15 7.59
CA LEU D 220 -23.98 16.45 6.22
C LEU D 220 -23.20 15.51 5.26
N GLU D 221 -22.00 15.13 5.65
CA GLU D 221 -21.08 14.32 4.80
C GLU D 221 -21.54 12.91 4.67
N ILE D 222 -21.99 12.39 5.80
CA ILE D 222 -22.75 11.13 5.82
C ILE D 222 -23.92 11.06 4.78
N ILE D 223 -24.85 12.05 4.87
CA ILE D 223 -25.97 12.06 3.90
C ILE D 223 -25.52 12.18 2.44
N LYS D 224 -24.84 13.22 2.12
CA LYS D 224 -24.20 13.31 0.82
C LYS D 224 -23.59 11.97 0.34
N GLY D 225 -22.84 11.33 1.22
CA GLY D 225 -22.04 10.19 0.87
C GLY D 225 -22.99 9.09 0.45
N THR D 226 -24.04 8.96 1.24
CA THR D 226 -25.03 7.93 1.06
C THR D 226 -25.88 8.23 -0.14
N ALA D 227 -26.25 9.49 -0.26
CA ALA D 227 -27.10 9.97 -1.32
C ALA D 227 -26.49 9.65 -2.62
N LEU D 228 -25.20 10.03 -2.79
CA LEU D 228 -24.38 9.70 -4.01
C LEU D 228 -24.08 8.13 -4.16
N ARG D 229 -24.64 7.33 -3.27
CA ARG D 229 -24.37 5.93 -3.37
C ARG D 229 -22.87 5.54 -3.36
N GLN D 230 -22.02 6.11 -2.52
CA GLN D 230 -20.60 5.64 -2.43
C GLN D 230 -20.34 4.36 -1.64
N ASP D 231 -19.21 3.67 -1.92
CA ASP D 231 -18.89 2.49 -1.15
C ASP D 231 -18.47 2.97 0.22
N GLU D 232 -17.63 4.00 0.31
CA GLU D 232 -17.10 4.34 1.62
C GLU D 232 -17.22 5.81 1.76
N MET D 233 -17.18 6.32 2.96
CA MET D 233 -17.23 7.79 3.17
C MET D 233 -16.49 8.08 4.43
N TYR D 234 -15.35 8.62 4.26
CA TYR D 234 -14.39 8.90 5.34
C TYR D 234 -14.53 10.34 5.83
N TYR D 235 -14.67 10.64 7.00
CA TYR D 235 -14.67 12.03 7.39
C TYR D 235 -13.86 11.88 8.60
N VAL D 236 -12.57 12.23 8.54
CA VAL D 236 -11.60 11.91 9.60
C VAL D 236 -10.61 13.00 10.07
N GLY D 237 -10.64 14.22 9.54
CA GLY D 237 -9.84 15.34 10.06
C GLY D 237 -8.62 15.58 9.15
N SER D 238 -8.67 14.91 8.00
CA SER D 238 -7.54 14.81 7.16
C SER D 238 -8.00 14.28 5.82
N ARG D 239 -7.51 14.92 4.77
CA ARG D 239 -7.67 14.45 3.41
C ARG D 239 -6.70 13.30 3.07
N TRP D 240 -5.63 13.10 3.83
CA TRP D 240 -4.65 12.11 3.49
C TRP D 240 -4.85 10.80 4.21
N VAL D 241 -5.28 10.86 5.48
CA VAL D 241 -5.56 9.64 6.30
C VAL D 241 -6.53 8.55 5.67
N PRO D 242 -7.57 8.94 4.99
CA PRO D 242 -8.38 7.87 4.34
C PRO D 242 -7.51 6.84 3.48
N TYR D 243 -6.43 7.33 2.87
CA TYR D 243 -5.60 6.46 1.99
C TYR D 243 -4.81 5.43 2.80
N LEU D 244 -4.45 5.77 4.03
CA LEU D 244 -3.91 4.78 4.99
C LEU D 244 -4.95 3.94 5.80
N LEU D 245 -6.24 4.18 5.60
CA LEU D 245 -7.26 3.40 6.30
C LEU D 245 -8.08 2.58 5.26
N GLY D 246 -7.99 2.94 3.97
CA GLY D 246 -8.82 2.26 2.93
C GLY D 246 -8.18 0.96 2.39
N ASN D 247 -6.95 0.66 2.88
CA ASN D 247 -6.32 -0.59 2.57
C ASN D 247 -6.43 -1.00 1.01
N PRO D 248 -5.52 -0.42 0.22
CA PRO D 248 -5.33 -0.74 -1.20
C PRO D 248 -5.14 -2.27 -1.56
N GLY D 249 -4.24 -2.96 -0.80
CA GLY D 249 -4.06 -4.38 -0.79
C GLY D 249 -5.36 -5.16 -0.75
N ARG D 250 -6.25 -4.68 0.16
CA ARG D 250 -7.58 -5.32 0.30
C ARG D 250 -8.44 -5.21 -0.98
N LYS D 251 -8.42 -4.05 -1.65
CA LYS D 251 -9.21 -3.75 -2.84
C LYS D 251 -8.63 -4.52 -4.02
N ILE D 252 -7.31 -4.44 -4.16
CA ILE D 252 -6.60 -5.35 -4.99
C ILE D 252 -6.97 -6.85 -4.73
N MET D 253 -6.88 -7.49 -3.48
CA MET D 253 -7.20 -8.91 -3.36
C MET D 253 -8.67 -9.17 -3.62
N GLU D 254 -9.62 -8.26 -3.47
CA GLU D 254 -11.07 -8.53 -3.61
C GLU D 254 -11.38 -8.67 -5.07
N PHE D 255 -10.88 -7.71 -5.81
CA PHE D 255 -10.80 -7.75 -7.20
C PHE D 255 -10.23 -9.09 -7.71
N LEU D 256 -9.05 -9.48 -7.32
CA LEU D 256 -8.43 -10.64 -7.99
C LEU D 256 -9.21 -11.99 -7.71
N SER D 257 -9.99 -12.00 -6.62
CA SER D 257 -10.66 -13.19 -6.16
C SER D 257 -12.02 -13.39 -6.82
N ALA D 258 -12.57 -12.35 -7.42
CA ALA D 258 -13.66 -12.57 -8.36
C ALA D 258 -13.21 -13.59 -9.41
N ALA D 259 -12.01 -13.51 -9.99
CA ALA D 259 -11.63 -14.55 -10.99
C ALA D 259 -11.63 -15.88 -10.34
N GLU D 260 -11.02 -16.01 -9.18
CA GLU D 260 -11.10 -17.31 -8.54
C GLU D 260 -12.49 -18.02 -8.41
N TYR D 261 -13.62 -17.38 -8.64
CA TYR D 261 -14.94 -17.98 -8.46
C TYR D 261 -15.48 -18.50 -9.83
N ASN D 262 -16.27 -19.55 -9.84
CA ASN D 262 -16.90 -20.01 -11.08
C ASN D 262 -18.34 -19.44 -11.15
N TRP D 263 -18.46 -18.29 -11.81
CA TRP D 263 -19.65 -17.46 -11.77
C TRP D 263 -20.87 -18.07 -12.51
N ASP D 264 -20.64 -18.86 -13.56
CA ASP D 264 -21.70 -19.62 -14.17
C ASP D 264 -22.29 -20.66 -13.21
N ASN D 265 -21.64 -20.87 -12.08
CA ASN D 265 -22.37 -21.40 -10.89
C ASN D 265 -22.67 -20.26 -9.86
#